data_6FGO
#
_entry.id   6FGO
#
_cell.length_a   90.229
_cell.length_b   120.296
_cell.length_c   126.330
_cell.angle_alpha   90.000
_cell.angle_beta   90.000
_cell.angle_gamma   90.000
#
_symmetry.space_group_name_H-M   'P 21 21 2'
#
loop_
_entity.id
_entity.type
_entity.pdbx_description
1 polymer 'Immunoglobulin gamma-1 heavy chain'
2 polymer Z-Ca
3 branched 2-acetamido-2-deoxy-beta-D-glucopyranose-(1-2)-alpha-D-mannopyranose-(1-3)-[2-acetamido-2-deoxy-beta-D-glucopyranose-(1-2)-alpha-D-mannopyranose-(1-6)]beta-D-mannopyranose-(1-4)-2-acetamido-2-deoxy-beta-D-glucopyranose-(1-4)-[alpha-L-fucopyranose-(1-6)]2-acetamido-2-deoxy-beta-D-glucopyranose
4 branched 2-acetamido-2-deoxy-beta-D-glucopyranose-(1-2)-alpha-D-mannopyranose-(1-6)-[alpha-D-mannopyranose-(1-3)]beta-D-mannopyranose-(1-4)-2-acetamido-2-deoxy-beta-D-glucopyranose-(1-4)-[alpha-L-fucopyranose-(1-6)]2-acetamido-2-deoxy-beta-D-glucopyranose
5 branched alpha-D-mannopyranose-(1-3)-[alpha-D-mannopyranose-(1-6)]beta-D-mannopyranose-(1-4)-2-acetamido-2-deoxy-beta-D-glucopyranose-(1-4)-2-acetamido-2-deoxy-beta-D-glucopyranose
6 non-polymer DI(HYDROXYETHYL)ETHER
7 non-polymer GLYCEROL
8 non-polymer 'CALCIUM ION'
9 non-polymer 'CHLORIDE ION'
10 water water
#
loop_
_entity_poly.entity_id
_entity_poly.type
_entity_poly.pdbx_seq_one_letter_code
_entity_poly.pdbx_strand_id
1 'polypeptide(L)'
;GPSVFLFPPKPKDTLMISRTPEVTCVVVDVSHEDPEVKFNWYVDGVEVHNAKTKPREEQYNSTYRVVSVLTVLHQDWLNG
KEYKCKVSNKALPAPIEKTISKAKGQPREPQVYTLPPSREEMTKNQVSLTCLVKGFYPSDIAVEWESNGQPENNYKTTPP
VLDSDGSFFLYSKLTVDKSRWQQGNVFSCSVMHEALHNHYTQKSLSLSPG
;
A,B,C,D
2 'polypeptide(L)' VDNKLNKEQQNAFYEILHLPNLNEEQRKAFIQSLIDGGGDTNGNGYLDAEESANLLAEAKKLNDARAPK E,F,G,H
#
# COMPACT_ATOMS: atom_id res chain seq x y z
N GLY A 1 20.32 12.40 -27.34
CA GLY A 1 20.09 12.90 -26.00
C GLY A 1 20.48 11.89 -24.93
N PRO A 2 20.77 12.37 -23.72
CA PRO A 2 21.11 11.45 -22.62
C PRO A 2 19.97 10.49 -22.31
N SER A 3 20.35 9.31 -21.83
CA SER A 3 19.42 8.31 -21.31
C SER A 3 19.78 7.99 -19.88
N VAL A 4 18.79 7.57 -19.10
CA VAL A 4 18.97 7.30 -17.68
C VAL A 4 18.55 5.86 -17.40
N PHE A 5 19.33 5.18 -16.57
CA PHE A 5 19.03 3.83 -16.13
C PHE A 5 19.25 3.75 -14.63
N LEU A 6 18.23 3.30 -13.92
CA LEU A 6 18.25 3.23 -12.46
C LEU A 6 18.31 1.76 -12.05
N PHE A 7 19.34 1.40 -11.27
CA PHE A 7 19.54 0.00 -10.95
C PHE A 7 19.28 -0.25 -9.46
N PRO A 8 18.64 -1.36 -9.12
CA PRO A 8 18.33 -1.64 -7.72
C PRO A 8 19.56 -2.18 -6.99
N PRO A 9 19.47 -2.35 -5.69
CA PRO A 9 20.57 -3.01 -4.96
C PRO A 9 20.56 -4.49 -5.22
N LYS A 10 21.69 -5.13 -4.92
CA LYS A 10 21.76 -6.57 -5.05
C LYS A 10 20.92 -7.22 -3.96
N PRO A 11 20.12 -8.24 -4.28
CA PRO A 11 19.29 -8.87 -3.25
C PRO A 11 20.08 -9.26 -2.00
N LYS A 12 21.28 -9.82 -2.17
CA LYS A 12 22.08 -10.22 -1.03
C LYS A 12 22.44 -9.02 -0.15
N ASP A 13 22.63 -7.84 -0.75
CA ASP A 13 23.04 -6.67 0.02
C ASP A 13 21.92 -6.17 0.93
N THR A 14 20.66 -6.29 0.49
CA THR A 14 19.55 -5.81 1.30
C THR A 14 19.19 -6.78 2.41
N LEU A 15 19.56 -8.06 2.28
CA LEU A 15 19.15 -9.08 3.23
C LEU A 15 20.19 -9.36 4.31
N MET A 16 21.47 -9.16 4.02
CA MET A 16 22.53 -9.41 4.98
C MET A 16 22.98 -8.07 5.55
N ILE A 17 22.87 -7.92 6.88
CA ILE A 17 23.12 -6.65 7.52
C ILE A 17 24.58 -6.22 7.40
N SER A 18 25.51 -7.16 7.24
CA SER A 18 26.92 -6.83 7.11
C SER A 18 27.28 -6.25 5.75
N ARG A 19 26.31 -6.12 4.84
CA ARG A 19 26.53 -5.62 3.50
C ARG A 19 25.84 -4.28 3.31
N THR A 20 26.23 -3.56 2.26
CA THR A 20 25.75 -2.20 1.99
C THR A 20 24.94 -2.17 0.69
N PRO A 21 23.61 -2.09 0.76
CA PRO A 21 22.82 -1.96 -0.47
C PRO A 21 22.85 -0.55 -1.02
N GLU A 22 22.83 -0.45 -2.35
CA GLU A 22 22.87 0.84 -3.03
C GLU A 22 21.96 0.81 -4.25
N VAL A 23 21.31 1.95 -4.51
CA VAL A 23 20.64 2.18 -5.78
C VAL A 23 21.55 3.06 -6.62
N THR A 24 21.64 2.77 -7.91
CA THR A 24 22.62 3.39 -8.79
C THR A 24 21.90 4.03 -9.97
N CYS A 25 22.09 5.33 -10.14
CA CYS A 25 21.51 6.07 -11.26
C CYS A 25 22.62 6.38 -12.25
N VAL A 26 22.48 5.83 -13.47
CA VAL A 26 23.48 5.95 -14.51
C VAL A 26 22.93 6.82 -15.63
N VAL A 27 23.71 7.82 -16.05
CA VAL A 27 23.36 8.67 -17.17
C VAL A 27 24.35 8.41 -18.29
N VAL A 28 23.83 7.98 -19.44
CA VAL A 28 24.65 7.63 -20.59
C VAL A 28 24.38 8.63 -21.72
N ASP A 29 25.23 8.57 -22.74
CA ASP A 29 25.13 9.46 -23.90
C ASP A 29 25.18 10.94 -23.49
N VAL A 30 26.05 11.26 -22.53
CA VAL A 30 26.28 12.65 -22.18
C VAL A 30 27.31 13.23 -23.14
N SER A 31 26.99 14.38 -23.73
CA SER A 31 27.82 14.94 -24.78
C SER A 31 29.01 15.70 -24.19
N HIS A 32 30.00 15.95 -25.04
CA HIS A 32 31.14 16.79 -24.67
C HIS A 32 30.71 18.25 -24.56
N GLU A 33 29.68 18.66 -25.31
CA GLU A 33 29.25 20.06 -25.32
C GLU A 33 28.47 20.42 -24.05
N ASP A 34 27.65 19.50 -23.55
CA ASP A 34 26.80 19.73 -22.38
C ASP A 34 27.04 18.59 -21.39
N PRO A 35 28.20 18.55 -20.75
CA PRO A 35 28.52 17.43 -19.84
C PRO A 35 28.05 17.60 -18.41
N GLU A 36 27.48 18.75 -18.05
CA GLU A 36 27.04 18.97 -16.67
C GLU A 36 25.75 18.19 -16.42
N VAL A 37 25.73 17.39 -15.35
CA VAL A 37 24.57 16.61 -14.97
C VAL A 37 24.23 16.91 -13.52
N LYS A 38 22.94 17.14 -13.24
CA LYS A 38 22.46 17.35 -11.88
C LYS A 38 21.59 16.18 -11.46
N PHE A 39 21.84 15.67 -10.25
CA PHE A 39 21.07 14.59 -9.68
C PHE A 39 20.24 15.09 -8.51
N ASN A 40 18.97 14.68 -8.46
CA ASN A 40 18.11 14.87 -7.30
C ASN A 40 17.52 13.53 -6.90
N TRP A 41 17.82 13.09 -5.68
CA TRP A 41 17.32 11.82 -5.18
C TRP A 41 16.14 12.04 -4.24
N TYR A 42 15.17 11.14 -4.28
CA TYR A 42 14.00 11.20 -3.42
C TYR A 42 13.68 9.81 -2.88
N VAL A 43 13.42 9.73 -1.58
CA VAL A 43 13.00 8.48 -0.94
C VAL A 43 11.59 8.70 -0.43
N ASP A 44 10.62 8.05 -1.09
CA ASP A 44 9.20 8.21 -0.75
C ASP A 44 8.76 9.67 -0.88
N GLY A 45 9.32 10.36 -1.88
CA GLY A 45 8.92 11.72 -2.18
C GLY A 45 9.72 12.79 -1.48
N VAL A 46 10.54 12.44 -0.50
CA VAL A 46 11.34 13.39 0.25
C VAL A 46 12.75 13.39 -0.32
N GLU A 47 13.27 14.57 -0.64
CA GLU A 47 14.60 14.64 -1.23
C GLU A 47 15.66 14.31 -0.20
N VAL A 48 16.69 13.57 -0.63
CA VAL A 48 17.81 13.21 0.22
C VAL A 48 19.08 13.76 -0.43
N HIS A 49 20.13 13.90 0.39
CA HIS A 49 21.35 14.58 -0.05
C HIS A 49 22.61 13.80 0.29
N ASN A 50 22.51 12.52 0.62
CA ASN A 50 23.67 11.72 0.97
C ASN A 50 24.20 10.90 -0.20
N ALA A 51 23.75 11.18 -1.43
CA ALA A 51 24.23 10.45 -2.59
C ALA A 51 25.60 10.96 -3.02
N LYS A 52 26.36 10.09 -3.66
CA LYS A 52 27.71 10.42 -4.13
C LYS A 52 27.78 10.27 -5.63
N THR A 53 28.24 11.32 -6.30
CA THR A 53 28.39 11.35 -7.75
C THR A 53 29.84 11.06 -8.10
N LYS A 54 30.04 10.04 -8.91
CA LYS A 54 31.38 9.67 -9.35
C LYS A 54 31.85 10.60 -10.47
N PRO A 55 33.15 10.79 -10.61
CA PRO A 55 33.65 11.65 -11.70
C PRO A 55 33.21 11.11 -13.06
N ARG A 56 32.88 12.02 -13.97
CA ARG A 56 32.42 11.62 -15.29
C ARG A 56 33.43 10.69 -15.94
N GLU A 57 32.93 9.77 -16.75
CA GLU A 57 33.75 8.73 -17.37
C GLU A 57 33.54 8.77 -18.87
N GLU A 58 34.59 9.06 -19.62
CA GLU A 58 34.52 9.05 -21.07
C GLU A 58 34.57 7.63 -21.60
N GLN A 59 33.70 7.32 -22.54
CA GLN A 59 33.64 5.99 -23.15
C GLN A 59 34.40 5.98 -24.47
N TYR A 60 34.56 4.78 -25.02
CA TYR A 60 35.30 4.62 -26.27
C TYR A 60 34.61 5.33 -27.43
N ASN A 61 33.30 5.55 -27.35
CA ASN A 61 32.54 6.22 -28.40
C ASN A 61 32.43 7.72 -28.18
N SER A 62 33.28 8.31 -27.35
CA SER A 62 33.31 9.76 -27.15
C SER A 62 32.00 10.27 -26.54
N THR A 63 31.50 9.56 -25.55
CA THR A 63 30.37 10.01 -24.75
C THR A 63 30.71 9.80 -23.29
N TYR A 64 30.13 10.64 -22.43
CA TYR A 64 30.38 10.55 -21.01
C TYR A 64 29.37 9.62 -20.33
N ARG A 65 29.82 9.01 -19.24
CA ARG A 65 28.98 8.20 -18.37
C ARG A 65 29.07 8.79 -16.98
N VAL A 66 27.93 9.21 -16.43
CA VAL A 66 27.87 9.84 -15.12
C VAL A 66 27.04 8.94 -14.21
N VAL A 67 27.59 8.63 -13.04
CA VAL A 67 26.96 7.69 -12.10
C VAL A 67 26.77 8.38 -10.77
N SER A 68 25.58 8.23 -10.19
CA SER A 68 25.30 8.68 -8.83
C SER A 68 24.84 7.48 -8.02
N VAL A 69 25.41 7.33 -6.83
CA VAL A 69 25.16 6.17 -5.97
C VAL A 69 24.55 6.67 -4.68
N LEU A 70 23.41 6.07 -4.30
CA LEU A 70 22.71 6.40 -3.07
C LEU A 70 22.65 5.16 -2.19
N THR A 71 23.30 5.23 -1.03
CA THR A 71 23.19 4.16 -0.05
C THR A 71 21.77 4.13 0.52
N VAL A 72 21.24 2.93 0.70
CA VAL A 72 19.89 2.75 1.23
C VAL A 72 19.97 1.92 2.50
N LEU A 73 18.98 2.12 3.37
CA LEU A 73 18.86 1.31 4.56
C LEU A 73 18.17 0.00 4.22
N HIS A 74 18.70 -1.10 4.77
CA HIS A 74 18.13 -2.42 4.50
C HIS A 74 16.63 -2.43 4.71
N GLN A 75 16.17 -1.89 5.85
CA GLN A 75 14.76 -1.97 6.19
C GLN A 75 13.92 -1.10 5.26
N ASP A 76 14.45 0.02 4.79
CA ASP A 76 13.69 0.89 3.89
C ASP A 76 13.38 0.17 2.58
N TRP A 77 14.37 -0.51 2.01
CA TRP A 77 14.12 -1.25 0.77
C TRP A 77 13.18 -2.42 1.04
N LEU A 78 13.43 -3.19 2.10
CA LEU A 78 12.61 -4.35 2.38
C LEU A 78 11.17 -3.96 2.72
N ASN A 79 10.97 -2.75 3.23
CA ASN A 79 9.63 -2.27 3.55
C ASN A 79 8.95 -1.56 2.37
N GLY A 80 9.61 -1.51 1.22
CA GLY A 80 8.96 -1.06 0.00
C GLY A 80 9.04 0.42 -0.28
N LYS A 81 10.00 1.14 0.30
CA LYS A 81 10.13 2.55 -0.01
C LYS A 81 10.58 2.74 -1.46
N GLU A 82 10.10 3.83 -2.06
CA GLU A 82 10.34 4.14 -3.47
C GLU A 82 11.52 5.09 -3.60
N TYR A 83 12.42 4.79 -4.53
CA TYR A 83 13.61 5.60 -4.77
C TYR A 83 13.55 6.21 -6.16
N LYS A 84 13.54 7.55 -6.20
CA LYS A 84 13.41 8.31 -7.44
C LYS A 84 14.73 9.00 -7.77
N CYS A 85 15.18 8.84 -9.00
CA CYS A 85 16.33 9.57 -9.52
C CYS A 85 15.87 10.57 -10.56
N LYS A 86 16.23 11.84 -10.37
CA LYS A 86 15.88 12.92 -11.31
C LYS A 86 17.17 13.47 -11.91
N VAL A 87 17.25 13.44 -13.24
CA VAL A 87 18.47 13.80 -13.97
C VAL A 87 18.16 15.01 -14.83
N SER A 88 18.95 16.08 -14.66
CA SER A 88 18.81 17.29 -15.44
C SER A 88 20.06 17.50 -16.29
N ASN A 89 19.85 17.97 -17.52
CA ASN A 89 20.93 18.20 -18.46
C ASN A 89 20.40 19.05 -19.60
N LYS A 90 21.22 20.01 -20.07
CA LYS A 90 20.74 20.96 -21.08
C LYS A 90 20.36 20.29 -22.39
N ALA A 91 20.87 19.09 -22.66
CA ALA A 91 20.49 18.39 -23.89
C ALA A 91 19.11 17.75 -23.80
N LEU A 92 18.50 17.73 -22.62
CA LEU A 92 17.16 17.18 -22.42
C LEU A 92 16.12 18.29 -22.46
N PRO A 93 14.97 18.10 -23.12
CA PRO A 93 13.92 19.12 -23.05
C PRO A 93 13.39 19.32 -21.64
N ALA A 94 13.41 18.27 -20.83
CA ALA A 94 13.00 18.33 -19.44
C ALA A 94 13.77 17.28 -18.68
N PRO A 95 13.90 17.43 -17.36
CA PRO A 95 14.61 16.40 -16.59
C PRO A 95 13.91 15.06 -16.70
N ILE A 96 14.69 14.00 -16.58
CA ILE A 96 14.19 12.62 -16.61
C ILE A 96 14.09 12.10 -15.19
N GLU A 97 12.99 11.42 -14.89
CA GLU A 97 12.74 10.86 -13.57
C GLU A 97 12.52 9.36 -13.70
N LYS A 98 13.26 8.58 -12.90
CA LYS A 98 13.10 7.14 -12.83
C LYS A 98 12.87 6.74 -11.39
N THR A 99 11.93 5.81 -11.18
CA THR A 99 11.61 5.32 -9.84
C THR A 99 11.72 3.80 -9.81
N ILE A 100 12.25 3.28 -8.70
CA ILE A 100 12.33 1.86 -8.47
C ILE A 100 11.95 1.58 -7.01
N SER A 101 11.55 0.34 -6.76
CA SER A 101 11.26 -0.12 -5.41
C SER A 101 11.19 -1.63 -5.45
N LYS A 102 11.17 -2.25 -4.27
CA LYS A 102 10.96 -3.68 -4.20
C LYS A 102 9.56 -4.00 -4.71
N ALA A 103 9.43 -5.17 -5.34
CA ALA A 103 8.13 -5.58 -5.89
C ALA A 103 7.09 -5.68 -4.78
N LYS A 104 5.88 -5.22 -5.09
CA LYS A 104 4.79 -5.32 -4.13
C LYS A 104 4.12 -6.68 -4.25
N GLY A 105 3.42 -7.08 -3.18
CA GLY A 105 2.80 -8.39 -3.13
C GLY A 105 3.20 -9.18 -1.90
N GLN A 106 2.36 -10.12 -1.48
CA GLN A 106 2.63 -10.89 -0.28
C GLN A 106 3.87 -11.75 -0.46
N PRO A 107 4.90 -11.61 0.37
CA PRO A 107 6.07 -12.48 0.24
C PRO A 107 5.73 -13.94 0.52
N ARG A 108 6.42 -14.83 -0.17
CA ARG A 108 6.22 -16.27 -0.04
C ARG A 108 7.57 -16.96 0.13
N GLU A 109 7.62 -17.92 1.04
CA GLU A 109 8.89 -18.51 1.45
C GLU A 109 9.40 -19.48 0.38
N PRO A 110 10.68 -19.41 0.01
CA PRO A 110 11.21 -20.35 -0.97
C PRO A 110 11.28 -21.78 -0.44
N GLN A 111 11.05 -22.72 -1.36
CA GLN A 111 11.30 -24.14 -1.11
C GLN A 111 12.59 -24.52 -1.83
N VAL A 112 13.53 -25.11 -1.09
CA VAL A 112 14.87 -25.39 -1.60
C VAL A 112 15.06 -26.90 -1.64
N TYR A 113 15.36 -27.43 -2.84
CA TYR A 113 15.63 -28.85 -3.03
C TYR A 113 16.92 -29.04 -3.82
N THR A 114 17.75 -29.98 -3.39
CA THR A 114 18.97 -30.34 -4.10
C THR A 114 18.77 -31.64 -4.87
N LEU A 115 19.25 -31.69 -6.11
CA LEU A 115 19.08 -32.84 -6.98
C LEU A 115 20.45 -33.36 -7.43
N PRO A 116 20.74 -34.64 -7.24
CA PRO A 116 22.03 -35.19 -7.68
C PRO A 116 22.13 -35.29 -9.18
N PRO A 117 23.31 -35.58 -9.72
CA PRO A 117 23.44 -35.71 -11.17
C PRO A 117 22.59 -36.84 -11.71
N SER A 118 22.07 -36.65 -12.93
CA SER A 118 21.38 -37.73 -13.61
C SER A 118 22.31 -38.92 -13.78
N ARG A 119 21.74 -40.11 -13.67
CA ARG A 119 22.53 -41.33 -13.81
C ARG A 119 23.29 -41.35 -15.13
N GLU A 120 22.67 -40.83 -16.19
CA GLU A 120 23.36 -40.75 -17.48
C GLU A 120 24.48 -39.72 -17.49
N GLU A 121 24.43 -38.74 -16.59
CA GLU A 121 25.54 -37.78 -16.52
C GLU A 121 26.72 -38.36 -15.75
N MET A 122 26.54 -39.47 -15.03
CA MET A 122 27.62 -40.10 -14.31
C MET A 122 28.63 -40.76 -15.24
N THR A 123 28.39 -40.75 -16.55
CA THR A 123 29.36 -41.22 -17.53
C THR A 123 30.25 -40.09 -18.06
N LYS A 124 29.92 -38.84 -17.75
CA LYS A 124 30.74 -37.71 -18.18
C LYS A 124 31.81 -37.41 -17.14
N ASN A 125 32.91 -36.79 -17.60
CA ASN A 125 34.00 -36.47 -16.70
C ASN A 125 33.61 -35.39 -15.69
N GLN A 126 32.66 -34.53 -16.04
CA GLN A 126 32.13 -33.52 -15.12
C GLN A 126 30.64 -33.77 -14.93
N VAL A 127 30.15 -33.44 -13.74
CA VAL A 127 28.77 -33.72 -13.37
C VAL A 127 28.11 -32.44 -12.88
N SER A 128 26.78 -32.44 -12.89
CA SER A 128 25.98 -31.27 -12.56
C SER A 128 25.25 -31.51 -11.23
N LEU A 129 25.51 -30.63 -10.26
CA LEU A 129 24.75 -30.61 -9.03
C LEU A 129 23.72 -29.49 -9.12
N THR A 130 22.46 -29.82 -8.86
CA THR A 130 21.35 -28.93 -9.13
C THR A 130 20.66 -28.51 -7.84
N CYS A 131 20.31 -27.23 -7.78
CA CYS A 131 19.55 -26.68 -6.67
C CYS A 131 18.26 -26.09 -7.22
N LEU A 132 17.13 -26.66 -6.81
CA LEU A 132 15.82 -26.17 -7.21
C LEU A 132 15.30 -25.28 -6.08
N VAL A 133 15.03 -24.02 -6.41
CA VAL A 133 14.45 -23.05 -5.48
C VAL A 133 13.12 -22.62 -6.09
N LYS A 134 12.04 -22.82 -5.35
CA LYS A 134 10.70 -22.72 -5.89
C LYS A 134 9.76 -22.05 -4.89
N GLY A 135 8.69 -21.48 -5.43
CA GLY A 135 7.60 -20.98 -4.61
C GLY A 135 7.85 -19.69 -3.87
N PHE A 136 8.76 -18.84 -4.33
CA PHE A 136 9.13 -17.64 -3.61
C PHE A 136 8.62 -16.38 -4.30
N TYR A 137 8.41 -15.34 -3.50
CA TYR A 137 7.99 -14.03 -3.96
C TYR A 137 8.44 -13.02 -2.93
N PRO A 138 8.97 -11.85 -3.33
CA PRO A 138 9.23 -11.40 -4.70
C PRO A 138 10.41 -12.13 -5.33
N SER A 139 10.73 -11.81 -6.59
CA SER A 139 11.79 -12.52 -7.30
C SER A 139 13.18 -12.19 -6.78
N ASP A 140 13.34 -11.12 -6.00
CA ASP A 140 14.64 -10.81 -5.41
C ASP A 140 15.13 -11.98 -4.58
N ILE A 141 16.28 -12.54 -4.97
CA ILE A 141 16.81 -13.72 -4.30
C ILE A 141 18.27 -13.86 -4.69
N ALA A 142 19.05 -14.53 -3.84
CA ALA A 142 20.45 -14.83 -4.12
C ALA A 142 20.69 -16.30 -3.78
N VAL A 143 21.46 -16.97 -4.65
CA VAL A 143 21.75 -18.39 -4.49
C VAL A 143 23.23 -18.61 -4.73
N GLU A 144 23.88 -19.33 -3.82
CA GLU A 144 25.30 -19.61 -3.89
C GLU A 144 25.53 -21.09 -3.56
N TRP A 145 26.75 -21.55 -3.83
CA TRP A 145 27.15 -22.91 -3.53
C TRP A 145 28.38 -22.89 -2.62
N GLU A 146 28.48 -23.93 -1.78
CA GLU A 146 29.56 -24.02 -0.81
C GLU A 146 29.97 -25.48 -0.66
N SER A 147 31.19 -25.68 -0.17
CA SER A 147 31.66 -27.02 0.16
C SER A 147 32.73 -26.87 1.24
N ASN A 148 32.51 -27.49 2.38
CA ASN A 148 33.43 -27.41 3.51
C ASN A 148 33.62 -25.95 3.95
N GLY A 149 32.51 -25.20 3.97
CA GLY A 149 32.51 -23.83 4.45
C GLY A 149 33.10 -22.80 3.51
N GLN A 150 33.51 -23.19 2.30
CA GLN A 150 34.07 -22.24 1.35
C GLN A 150 33.25 -22.24 0.06
N PRO A 151 33.18 -21.11 -0.63
CA PRO A 151 32.31 -21.03 -1.81
C PRO A 151 32.81 -21.87 -2.97
N GLU A 152 31.86 -22.47 -3.68
CA GLU A 152 32.11 -23.06 -4.98
C GLU A 152 31.68 -22.04 -6.03
N ASN A 153 32.55 -21.79 -7.01
CA ASN A 153 32.32 -20.69 -7.94
C ASN A 153 32.24 -21.14 -9.39
N ASN A 154 32.04 -22.44 -9.64
CA ASN A 154 31.86 -22.91 -11.00
C ASN A 154 30.41 -23.34 -11.12
N TYR A 155 29.52 -22.40 -10.82
CA TYR A 155 28.09 -22.61 -10.93
C TYR A 155 27.47 -21.45 -11.70
N LYS A 156 26.34 -21.72 -12.33
CA LYS A 156 25.50 -20.71 -12.96
C LYS A 156 24.07 -20.88 -12.49
N THR A 157 23.39 -19.76 -12.31
CA THR A 157 22.02 -19.75 -11.80
C THR A 157 21.13 -19.07 -12.83
N THR A 158 19.98 -19.70 -13.10
CA THR A 158 19.04 -19.15 -14.04
C THR A 158 18.37 -17.91 -13.45
N PRO A 159 17.77 -17.06 -14.29
CA PRO A 159 16.95 -15.98 -13.77
C PRO A 159 15.70 -16.53 -13.11
N PRO A 160 15.04 -15.75 -12.25
CA PRO A 160 13.75 -16.18 -11.73
C PRO A 160 12.72 -16.31 -12.85
N VAL A 161 11.91 -17.36 -12.78
CA VAL A 161 10.88 -17.63 -13.78
C VAL A 161 9.54 -17.63 -13.07
N LEU A 162 8.56 -16.95 -13.64
CA LEU A 162 7.23 -16.90 -13.05
C LEU A 162 6.55 -18.26 -13.19
N ASP A 163 6.08 -18.80 -12.08
CA ASP A 163 5.44 -20.11 -12.07
C ASP A 163 3.93 -19.95 -12.20
N SER A 164 3.23 -21.08 -12.26
CA SER A 164 1.79 -21.05 -12.54
C SER A 164 1.03 -20.35 -11.42
N ASP A 165 1.46 -20.52 -10.17
CA ASP A 165 0.75 -19.98 -9.01
C ASP A 165 1.15 -18.54 -8.70
N GLY A 166 1.86 -17.86 -9.60
CA GLY A 166 2.28 -16.50 -9.37
C GLY A 166 3.58 -16.35 -8.61
N SER A 167 4.14 -17.45 -8.10
CA SER A 167 5.43 -17.39 -7.42
C SER A 167 6.54 -17.58 -8.44
N PHE A 168 7.78 -17.55 -7.95
CA PHE A 168 8.95 -17.68 -8.81
C PHE A 168 9.74 -18.93 -8.44
N PHE A 169 10.49 -19.43 -9.42
CA PHE A 169 11.41 -20.52 -9.21
C PHE A 169 12.65 -20.28 -10.05
N LEU A 170 13.73 -20.99 -9.71
CA LEU A 170 14.94 -20.96 -10.51
C LEU A 170 15.72 -22.23 -10.22
N TYR A 171 16.77 -22.43 -11.02
CA TYR A 171 17.70 -23.53 -10.81
C TYR A 171 19.10 -22.96 -10.75
N SER A 172 19.94 -23.55 -9.91
CA SER A 172 21.36 -23.24 -9.88
C SER A 172 22.10 -24.53 -10.18
N LYS A 173 23.04 -24.46 -11.13
CA LYS A 173 23.77 -25.62 -11.61
C LYS A 173 25.23 -25.48 -11.22
N LEU A 174 25.71 -26.35 -10.34
CA LEU A 174 27.10 -26.42 -9.94
C LEU A 174 27.79 -27.55 -10.68
N THR A 175 28.85 -27.23 -11.41
CA THR A 175 29.62 -28.23 -12.15
C THR A 175 30.87 -28.60 -11.35
N VAL A 176 31.04 -29.89 -11.12
CA VAL A 176 32.21 -30.41 -10.41
C VAL A 176 32.76 -31.61 -11.17
N ASP A 177 34.03 -31.89 -10.94
CA ASP A 177 34.64 -33.10 -11.48
C ASP A 177 34.00 -34.33 -10.86
N LYS A 178 33.76 -35.36 -11.70
CA LYS A 178 33.08 -36.56 -11.21
C LYS A 178 33.78 -37.12 -9.96
N SER A 179 35.10 -37.06 -9.92
CA SER A 179 35.84 -37.63 -8.81
C SER A 179 35.43 -37.00 -7.49
N ARG A 180 35.23 -35.69 -7.47
CA ARG A 180 34.82 -35.01 -6.24
C ARG A 180 33.46 -35.51 -5.77
N TRP A 181 32.55 -35.74 -6.72
CA TRP A 181 31.22 -36.24 -6.36
C TRP A 181 31.30 -37.68 -5.87
N GLN A 182 32.14 -38.50 -6.52
CA GLN A 182 32.29 -39.89 -6.16
C GLN A 182 32.97 -40.09 -4.81
N GLN A 183 33.74 -39.10 -4.34
CA GLN A 183 34.44 -39.21 -3.07
C GLN A 183 33.57 -38.92 -1.86
N GLY A 184 32.31 -38.56 -2.05
CA GLY A 184 31.44 -38.28 -0.93
C GLY A 184 31.53 -36.87 -0.40
N ASN A 185 32.16 -35.95 -1.13
CA ASN A 185 32.25 -34.57 -0.70
C ASN A 185 30.86 -33.96 -0.61
N VAL A 186 30.64 -33.16 0.44
CA VAL A 186 29.34 -32.57 0.70
C VAL A 186 29.32 -31.16 0.09
N PHE A 187 28.28 -30.89 -0.67
CA PHE A 187 28.06 -29.58 -1.28
C PHE A 187 26.79 -28.98 -0.69
N SER A 188 26.73 -27.65 -0.67
CA SER A 188 25.64 -26.94 0.00
C SER A 188 25.10 -25.85 -0.90
N CYS A 189 23.79 -25.85 -1.11
CA CYS A 189 23.10 -24.77 -1.79
C CYS A 189 22.66 -23.75 -0.75
N SER A 190 23.14 -22.51 -0.88
CA SER A 190 22.81 -21.43 0.05
C SER A 190 21.83 -20.47 -0.61
N VAL A 191 20.72 -20.20 0.07
CA VAL A 191 19.65 -19.36 -0.47
C VAL A 191 19.37 -18.21 0.49
N MET A 192 19.26 -17.00 -0.06
CA MET A 192 18.97 -15.79 0.71
C MET A 192 17.72 -15.13 0.14
N HIS A 193 16.72 -14.93 0.99
CA HIS A 193 15.44 -14.38 0.57
C HIS A 193 14.76 -13.79 1.80
N GLU A 194 13.99 -12.71 1.61
CA GLU A 194 13.40 -12.02 2.75
C GLU A 194 12.42 -12.90 3.51
N ALA A 195 11.77 -13.84 2.83
CA ALA A 195 10.76 -14.69 3.44
C ALA A 195 11.36 -15.89 4.17
N LEU A 196 12.69 -15.98 4.26
CA LEU A 196 13.35 -17.01 5.06
C LEU A 196 13.72 -16.44 6.43
N HIS A 197 13.68 -17.30 7.44
CA HIS A 197 14.15 -16.90 8.76
C HIS A 197 15.63 -16.54 8.69
N ASN A 198 15.98 -15.41 9.31
CA ASN A 198 17.32 -14.83 9.23
C ASN A 198 17.70 -14.46 7.81
N HIS A 199 16.75 -14.52 6.88
CA HIS A 199 16.96 -14.22 5.47
C HIS A 199 17.85 -15.25 4.76
N TYR A 200 18.09 -16.43 5.33
CA TYR A 200 18.89 -17.41 4.62
C TYR A 200 18.66 -18.82 5.15
N THR A 201 18.87 -19.80 4.27
CA THR A 201 18.86 -21.21 4.62
C THR A 201 19.81 -21.93 3.69
N GLN A 202 20.10 -23.20 4.01
CA GLN A 202 20.99 -24.02 3.20
C GLN A 202 20.48 -25.45 3.13
N LYS A 203 20.74 -26.10 2.00
CA LYS A 203 20.42 -27.50 1.79
C LYS A 203 21.66 -28.23 1.28
N SER A 204 21.94 -29.39 1.87
CA SER A 204 23.12 -30.16 1.55
C SER A 204 22.87 -31.09 0.37
N LEU A 205 23.96 -31.57 -0.23
CA LEU A 205 23.90 -32.48 -1.37
C LEU A 205 25.17 -33.30 -1.40
N SER A 206 25.02 -34.62 -1.36
CA SER A 206 26.16 -35.54 -1.38
C SER A 206 25.73 -36.87 -1.96
N LEU A 207 26.70 -37.74 -2.19
CA LEU A 207 26.45 -39.04 -2.80
C LEU A 207 25.64 -39.90 -1.84
N SER A 208 24.39 -40.15 -2.20
CA SER A 208 23.47 -40.96 -1.41
C SER A 208 23.02 -42.18 -2.21
N PRO A 209 22.46 -43.20 -1.55
CA PRO A 209 21.97 -44.38 -2.27
C PRO A 209 20.87 -44.03 -3.28
N ASN B 3 29.68 -19.12 5.56
CA ASN B 3 31.07 -18.68 5.58
C ASN B 3 31.40 -18.12 6.98
N LYS B 4 32.20 -17.06 7.04
CA LYS B 4 32.48 -16.38 8.30
C LYS B 4 31.43 -15.32 8.60
N LEU B 5 30.17 -15.72 8.47
CA LEU B 5 29.05 -14.84 8.76
C LEU B 5 28.88 -14.65 10.26
N ASN B 6 28.62 -13.40 10.67
CA ASN B 6 28.31 -13.11 12.06
C ASN B 6 26.83 -13.44 12.24
N LYS B 7 26.58 -14.68 12.67
CA LYS B 7 25.21 -15.18 12.73
C LYS B 7 24.37 -14.42 13.75
N GLU B 8 24.94 -14.12 14.92
CA GLU B 8 24.19 -13.43 15.94
C GLU B 8 23.79 -12.03 15.48
N GLN B 9 24.70 -11.34 14.77
CA GLN B 9 24.37 -10.03 14.23
C GLN B 9 23.27 -10.13 13.18
N GLN B 10 23.39 -11.08 12.25
CA GLN B 10 22.37 -11.26 11.23
C GLN B 10 21.03 -11.60 11.84
N ASN B 11 21.01 -12.47 12.85
CA ASN B 11 19.74 -12.85 13.47
C ASN B 11 19.13 -11.69 14.24
N ALA B 12 19.95 -10.95 15.00
CA ALA B 12 19.44 -9.77 15.69
C ALA B 12 18.84 -8.78 14.71
N PHE B 13 19.49 -8.57 13.58
CA PHE B 13 18.94 -7.71 12.53
C PHE B 13 17.57 -8.21 12.09
N TYR B 14 17.46 -9.51 11.82
CA TYR B 14 16.20 -10.06 11.32
C TYR B 14 15.10 -9.91 12.36
N GLU B 15 15.39 -10.26 13.62
CA GLU B 15 14.37 -10.16 14.66
C GLU B 15 13.93 -8.72 14.86
N ILE B 16 14.89 -7.79 14.96
CA ILE B 16 14.55 -6.38 15.12
C ILE B 16 13.73 -5.89 13.94
N LEU B 17 14.05 -6.36 12.74
CA LEU B 17 13.32 -5.96 11.55
C LEU B 17 11.85 -6.31 11.63
N HIS B 18 11.47 -7.31 12.43
CA HIS B 18 10.11 -7.82 12.46
C HIS B 18 9.40 -7.55 13.79
N LEU B 19 10.02 -6.82 14.71
CA LEU B 19 9.35 -6.48 15.95
C LEU B 19 8.14 -5.58 15.63
N PRO B 20 6.91 -6.02 15.92
CA PRO B 20 5.75 -5.31 15.36
C PRO B 20 5.43 -3.98 16.04
N ASN B 21 5.81 -3.80 17.30
CA ASN B 21 5.37 -2.64 18.08
C ASN B 21 6.34 -1.47 18.02
N LEU B 22 7.51 -1.64 17.40
CA LEU B 22 8.45 -0.53 17.26
C LEU B 22 8.03 0.40 16.14
N ASN B 23 8.25 1.71 16.34
CA ASN B 23 8.07 2.66 15.26
C ASN B 23 9.33 2.71 14.40
N GLU B 24 9.31 3.57 13.37
CA GLU B 24 10.40 3.59 12.39
C GLU B 24 11.71 4.05 13.01
N GLU B 25 11.70 5.18 13.72
CA GLU B 25 12.93 5.70 14.31
C GLU B 25 13.56 4.70 15.27
N GLN B 26 12.75 4.02 16.08
CA GLN B 26 13.30 3.03 17.01
C GLN B 26 13.92 1.88 16.25
N ARG B 27 13.20 1.34 15.26
CA ARG B 27 13.76 0.27 14.44
CA ARG B 27 13.76 0.28 14.43
C ARG B 27 15.01 0.75 13.72
N LYS B 28 15.01 2.00 13.25
CA LYS B 28 16.19 2.55 12.58
C LYS B 28 17.36 2.67 13.53
N ALA B 29 17.12 3.10 14.77
CA ALA B 29 18.21 3.30 15.72
C ALA B 29 18.83 1.97 16.16
N PHE B 30 17.99 0.96 16.42
CA PHE B 30 18.50 -0.34 16.85
C PHE B 30 19.30 -1.00 15.74
N ILE B 31 18.76 -1.02 14.52
CA ILE B 31 19.48 -1.62 13.41
C ILE B 31 20.81 -0.89 13.18
N GLN B 32 20.79 0.43 13.26
CA GLN B 32 22.00 1.21 13.03
C GLN B 32 23.08 0.88 14.05
N SER B 33 22.69 0.59 15.30
CA SER B 33 23.67 0.23 16.31
C SER B 33 24.37 -1.10 16.01
N LEU B 34 23.86 -1.88 15.06
CA LEU B 34 24.51 -3.15 14.71
C LEU B 34 25.72 -2.96 13.81
N ILE B 35 25.87 -1.79 13.18
CA ILE B 35 26.86 -1.64 12.13
C ILE B 35 27.65 -0.33 12.23
N ASP B 36 27.41 0.46 13.28
CA ASP B 36 28.08 1.74 13.39
C ASP B 36 28.78 1.92 14.73
N GLY B 37 29.10 0.84 15.43
CA GLY B 37 29.82 0.92 16.68
C GLY B 37 28.97 1.04 17.92
N GLY B 38 27.79 1.66 17.80
CA GLY B 38 26.93 1.86 18.97
C GLY B 38 26.73 0.59 19.77
N GLY B 39 26.53 -0.54 19.10
CA GLY B 39 26.36 -1.81 19.78
C GLY B 39 27.66 -2.43 20.25
N ASP B 40 28.80 -1.95 19.75
CA ASP B 40 30.11 -2.49 20.10
C ASP B 40 30.51 -1.91 21.46
N THR B 41 30.00 -2.54 22.51
CA THR B 41 30.10 -1.96 23.86
C THR B 41 31.54 -1.91 24.36
N ASN B 42 32.39 -2.85 23.95
CA ASN B 42 33.79 -2.80 24.32
C ASN B 42 34.65 -2.09 23.28
N GLY B 43 34.04 -1.60 22.20
CA GLY B 43 34.77 -0.82 21.21
C GLY B 43 35.98 -1.51 20.62
N ASN B 44 35.93 -2.83 20.45
CA ASN B 44 37.03 -3.59 19.85
C ASN B 44 36.91 -3.72 18.34
N GLY B 45 35.91 -3.08 17.72
CA GLY B 45 35.77 -3.11 16.28
C GLY B 45 34.95 -4.26 15.74
N TYR B 46 34.48 -5.17 16.59
CA TYR B 46 33.68 -6.31 16.16
C TYR B 46 32.46 -6.44 17.07
N LEU B 47 31.31 -6.74 16.50
CA LEU B 47 30.08 -6.91 17.27
C LEU B 47 30.04 -8.34 17.79
N ASP B 48 30.42 -8.51 19.05
CA ASP B 48 30.47 -9.84 19.66
C ASP B 48 29.07 -10.38 19.94
N ALA B 49 29.00 -11.70 20.17
CA ALA B 49 27.73 -12.34 20.47
C ALA B 49 27.08 -11.71 21.71
N GLU B 50 27.88 -11.39 22.72
CA GLU B 50 27.35 -10.71 23.91
C GLU B 50 26.66 -9.41 23.51
N GLU B 51 27.31 -8.64 22.64
CA GLU B 51 26.80 -7.34 22.26
C GLU B 51 25.55 -7.47 21.39
N SER B 52 25.51 -8.46 20.52
CA SER B 52 24.30 -8.70 19.72
C SER B 52 23.12 -9.08 20.62
N ALA B 53 23.35 -10.01 21.56
CA ALA B 53 22.28 -10.45 22.43
C ALA B 53 21.76 -9.31 23.30
N ASN B 54 22.66 -8.44 23.76
CA ASN B 54 22.25 -7.35 24.64
C ASN B 54 21.45 -6.30 23.87
N LEU B 55 21.87 -5.98 22.65
CA LEU B 55 21.11 -5.04 21.82
C LEU B 55 19.75 -5.61 21.42
N LEU B 56 19.69 -6.90 21.12
CA LEU B 56 18.41 -7.53 20.81
C LEU B 56 17.48 -7.50 22.02
N ALA B 57 18.01 -7.83 23.20
CA ALA B 57 17.19 -7.79 24.41
C ALA B 57 16.63 -6.40 24.65
N GLU B 58 17.40 -5.36 24.34
CA GLU B 58 16.92 -4.00 24.52
C GLU B 58 15.79 -3.69 23.54
N ALA B 59 15.90 -4.16 22.30
CA ALA B 59 14.85 -3.93 21.32
C ALA B 59 13.57 -4.69 21.70
N LYS B 60 13.70 -5.95 22.12
CA LYS B 60 12.53 -6.70 22.56
C LYS B 60 11.88 -6.05 23.76
N LYS B 61 12.69 -5.50 24.67
CA LYS B 61 12.13 -4.89 25.88
C LYS B 61 11.31 -3.67 25.53
N LEU B 62 11.83 -2.81 24.65
CA LEU B 62 11.06 -1.65 24.21
C LEU B 62 9.81 -2.08 23.45
N ASN B 63 9.91 -3.16 22.67
CA ASN B 63 8.75 -3.66 21.93
C ASN B 63 7.68 -4.17 22.88
N ASP B 64 8.07 -4.87 23.94
CA ASP B 64 7.09 -5.38 24.89
C ASP B 64 6.47 -4.25 25.70
N ALA B 65 7.26 -3.24 26.05
CA ALA B 65 6.74 -2.12 26.81
C ALA B 65 5.74 -1.29 26.02
N ARG B 66 5.73 -1.43 24.70
CA ARG B 66 4.80 -0.68 23.85
C ARG B 66 3.60 -1.55 23.47
N GLY C 1 -18.11 -12.99 30.62
CA GLY C 1 -16.67 -13.17 30.70
C GLY C 1 -15.94 -12.28 29.72
N PRO C 2 -15.26 -12.88 28.74
CA PRO C 2 -14.58 -12.05 27.72
C PRO C 2 -15.57 -11.17 26.98
N SER C 3 -15.10 -10.00 26.56
CA SER C 3 -15.88 -9.09 25.75
C SER C 3 -15.16 -8.81 24.42
N VAL C 4 -15.95 -8.50 23.41
CA VAL C 4 -15.45 -8.30 22.06
C VAL C 4 -15.86 -6.93 21.57
N PHE C 5 -14.94 -6.24 20.88
CA PHE C 5 -15.22 -4.96 20.26
C PHE C 5 -14.64 -4.98 18.85
N LEU C 6 -15.47 -4.68 17.86
CA LEU C 6 -15.10 -4.74 16.46
C LEU C 6 -14.98 -3.33 15.90
N PHE C 7 -13.81 -3.00 15.34
CA PHE C 7 -13.50 -1.63 14.91
C PHE C 7 -13.38 -1.55 13.40
N PRO C 8 -13.85 -0.47 12.78
CA PRO C 8 -13.76 -0.34 11.33
C PRO C 8 -12.36 0.10 10.90
N PRO C 9 -12.08 0.11 9.60
CA PRO C 9 -10.80 0.64 9.12
C PRO C 9 -10.78 2.15 9.19
N LYS C 10 -9.57 2.70 9.07
CA LYS C 10 -9.41 4.14 9.03
C LYS C 10 -9.96 4.66 7.72
N PRO C 11 -10.75 5.74 7.73
CA PRO C 11 -11.30 6.26 6.46
C PRO C 11 -10.25 6.44 5.38
N LYS C 12 -9.08 6.97 5.73
CA LYS C 12 -8.03 7.14 4.74
C LYS C 12 -7.57 5.82 4.14
N ASP C 13 -7.59 4.74 4.92
CA ASP C 13 -7.11 3.46 4.41
C ASP C 13 -8.05 2.88 3.36
N THR C 14 -9.36 3.09 3.48
CA THR C 14 -10.31 2.55 2.53
C THR C 14 -10.37 3.37 1.25
N LEU C 15 -9.95 4.64 1.29
CA LEU C 15 -10.08 5.54 0.16
C LEU C 15 -8.82 5.64 -0.68
N MET C 16 -7.64 5.43 -0.10
CA MET C 16 -6.38 5.52 -0.82
C MET C 16 -5.89 4.11 -1.13
N ILE C 17 -5.69 3.83 -2.42
CA ILE C 17 -5.35 2.48 -2.85
C ILE C 17 -3.97 2.06 -2.35
N SER C 18 -3.09 3.00 -2.07
CA SER C 18 -1.74 2.69 -1.61
C SER C 18 -1.70 2.21 -0.16
N ARG C 19 -2.83 2.19 0.55
CA ARG C 19 -2.89 1.76 1.94
C ARG C 19 -3.72 0.49 2.07
N THR C 20 -3.60 -0.14 3.24
CA THR C 20 -4.25 -1.42 3.52
C THR C 20 -5.29 -1.22 4.61
N PRO C 21 -6.58 -1.19 4.28
CA PRO C 21 -7.61 -1.09 5.33
C PRO C 21 -7.81 -2.41 6.04
N GLU C 22 -8.12 -2.31 7.34
CA GLU C 22 -8.30 -3.47 8.19
C GLU C 22 -9.48 -3.27 9.12
N VAL C 23 -10.21 -4.36 9.37
CA VAL C 23 -11.18 -4.42 10.46
C VAL C 23 -10.51 -5.16 11.60
N THR C 24 -10.71 -4.69 12.82
CA THR C 24 -9.98 -5.18 13.98
C THR C 24 -10.96 -5.70 15.02
N CYS C 25 -10.79 -6.96 15.40
CA CYS C 25 -11.61 -7.59 16.43
C CYS C 25 -10.76 -7.73 17.69
N VAL C 26 -11.17 -7.06 18.76
CA VAL C 26 -10.42 -7.04 20.02
C VAL C 26 -11.21 -7.81 21.06
N VAL C 27 -10.54 -8.78 21.69
CA VAL C 27 -11.14 -9.57 22.75
C VAL C 27 -10.38 -9.24 24.03
N VAL C 28 -11.08 -8.73 25.03
CA VAL C 28 -10.45 -8.32 26.29
C VAL C 28 -10.92 -9.30 27.35
N ASP C 29 -11.08 -8.82 28.59
CA ASP C 29 -11.41 -9.65 29.74
C ASP C 29 -11.20 -11.15 29.51
N VAL C 30 -10.08 -11.52 28.89
CA VAL C 30 -9.71 -12.92 28.72
C VAL C 30 -9.05 -13.41 29.99
N SER C 31 -9.53 -14.54 30.51
CA SER C 31 -9.06 -15.03 31.79
C SER C 31 -7.73 -15.76 31.65
N HIS C 32 -7.04 -15.90 32.80
CA HIS C 32 -5.79 -16.66 32.85
C HIS C 32 -6.04 -18.16 32.73
N GLU C 33 -7.20 -18.64 33.17
CA GLU C 33 -7.46 -20.09 33.17
C GLU C 33 -7.71 -20.61 31.76
N ASP C 34 -8.66 -20.01 31.03
CA ASP C 34 -9.06 -20.44 29.69
C ASP C 34 -8.76 -19.32 28.70
N PRO C 35 -7.49 -19.10 28.36
CA PRO C 35 -7.13 -18.01 27.44
C PRO C 35 -7.26 -18.36 25.97
N GLU C 36 -7.69 -19.58 25.63
CA GLU C 36 -7.84 -19.95 24.23
C GLU C 36 -8.93 -19.12 23.58
N VAL C 37 -8.59 -18.49 22.45
CA VAL C 37 -9.54 -17.70 21.67
C VAL C 37 -9.48 -18.20 20.25
N LYS C 38 -10.65 -18.50 19.67
CA LYS C 38 -10.78 -18.92 18.29
C LYS C 38 -11.53 -17.82 17.53
N PHE C 39 -10.98 -17.43 16.38
CA PHE C 39 -11.58 -16.41 15.54
C PHE C 39 -12.12 -17.04 14.26
N ASN C 40 -13.34 -16.67 13.90
CA ASN C 40 -13.92 -17.03 12.60
C ASN C 40 -14.45 -15.74 11.97
N TRP C 41 -13.89 -15.38 10.81
CA TRP C 41 -14.26 -14.17 10.09
C TRP C 41 -15.19 -14.51 8.95
N TYR C 42 -16.15 -13.61 8.69
CA TYR C 42 -17.10 -13.77 7.61
C TYR C 42 -17.30 -12.45 6.89
N VAL C 43 -17.32 -12.49 5.57
CA VAL C 43 -17.57 -11.31 4.73
C VAL C 43 -18.90 -11.56 4.02
N ASP C 44 -19.94 -10.84 4.45
CA ASP C 44 -21.29 -11.04 3.90
C ASP C 44 -21.72 -12.50 4.06
N GLY C 45 -21.31 -13.11 5.16
CA GLY C 45 -21.70 -14.46 5.48
C GLY C 45 -20.74 -15.55 5.02
N VAL C 46 -19.76 -15.21 4.19
CA VAL C 46 -18.81 -16.19 3.66
C VAL C 46 -17.55 -16.12 4.50
N GLU C 47 -17.10 -17.28 4.98
CA GLU C 47 -15.93 -17.33 5.85
C GLU C 47 -14.66 -17.05 5.04
N VAL C 48 -13.75 -16.30 5.66
CA VAL C 48 -12.45 -16.00 5.09
C VAL C 48 -11.38 -16.53 6.05
N HIS C 49 -10.17 -16.71 5.52
CA HIS C 49 -9.11 -17.38 6.26
C HIS C 49 -7.81 -16.59 6.25
N ASN C 50 -7.84 -15.32 5.89
CA ASN C 50 -6.65 -14.49 5.81
C ASN C 50 -6.42 -13.64 7.06
N ALA C 51 -7.15 -13.90 8.14
CA ALA C 51 -6.99 -13.12 9.35
C ALA C 51 -5.75 -13.55 10.12
N LYS C 52 -5.17 -12.60 10.85
CA LYS C 52 -3.96 -12.83 11.64
C LYS C 52 -4.23 -12.41 13.07
N THR C 53 -3.91 -13.30 14.01
CA THR C 53 -4.08 -13.02 15.44
C THR C 53 -2.74 -12.55 16.01
N LYS C 54 -2.74 -11.36 16.59
CA LYS C 54 -1.54 -10.83 17.20
C LYS C 54 -1.32 -11.44 18.59
N PRO C 55 -0.06 -11.52 19.04
CA PRO C 55 0.23 -12.17 20.32
C PRO C 55 -0.49 -11.50 21.49
N ARG C 56 -1.00 -12.32 22.40
CA ARG C 56 -1.72 -11.82 23.56
C ARG C 56 -0.83 -10.90 24.38
N GLU C 57 -1.45 -9.91 25.01
CA GLU C 57 -0.76 -8.93 25.83
C GLU C 57 -1.44 -8.89 27.19
N GLU C 58 -0.67 -9.12 28.26
CA GLU C 58 -1.23 -9.10 29.60
C GLU C 58 -1.53 -7.67 30.01
N GLN C 59 -2.70 -7.46 30.60
CA GLN C 59 -3.12 -6.13 31.02
C GLN C 59 -2.84 -5.91 32.51
N TYR C 60 -2.96 -4.65 32.93
CA TYR C 60 -2.76 -4.31 34.33
C TYR C 60 -3.83 -4.89 35.24
N ASN C 61 -5.01 -5.21 34.70
CA ASN C 61 -6.10 -5.79 35.47
C ASN C 61 -6.05 -7.31 35.50
N SER C 62 -4.90 -7.91 35.16
CA SER C 62 -4.73 -9.36 35.21
C SER C 62 -5.68 -10.07 34.24
N THR C 63 -5.81 -9.52 33.03
CA THR C 63 -6.56 -10.17 31.97
C THR C 63 -5.78 -10.04 30.66
N TYR C 64 -6.00 -10.99 29.76
CA TYR C 64 -5.33 -10.99 28.46
C TYR C 64 -6.14 -10.17 27.46
N ARG C 65 -5.44 -9.61 26.49
CA ARG C 65 -6.05 -8.89 25.37
C ARG C 65 -5.58 -9.54 24.08
N VAL C 66 -6.52 -10.07 23.30
CA VAL C 66 -6.22 -10.78 22.06
C VAL C 66 -6.85 -10.01 20.92
N VAL C 67 -6.07 -9.78 19.87
CA VAL C 67 -6.49 -8.98 18.72
C VAL C 67 -6.35 -9.83 17.47
N SER C 68 -7.39 -9.79 16.62
CA SER C 68 -7.34 -10.41 15.30
C SER C 68 -7.61 -9.33 14.27
N VAL C 69 -6.79 -9.29 13.23
CA VAL C 69 -6.84 -8.25 12.20
C VAL C 69 -7.14 -8.92 10.86
N LEU C 70 -8.15 -8.41 10.16
CA LEU C 70 -8.54 -8.92 8.85
C LEU C 70 -8.39 -7.80 7.84
N THR C 71 -7.52 -8.01 6.84
CA THR C 71 -7.42 -7.10 5.73
C THR C 71 -8.69 -7.15 4.89
N VAL C 72 -9.13 -5.98 4.43
CA VAL C 72 -10.34 -5.87 3.61
C VAL C 72 -9.97 -5.21 2.29
N LEU C 73 -10.80 -5.49 1.28
CA LEU C 73 -10.64 -4.83 -0.01
C LEU C 73 -11.32 -3.47 0.03
N HIS C 74 -10.64 -2.46 -0.53
CA HIS C 74 -11.18 -1.10 -0.54
C HIS C 74 -12.61 -1.08 -1.08
N GLN C 75 -12.84 -1.74 -2.21
CA GLN C 75 -14.16 -1.67 -2.85
C GLN C 75 -15.21 -2.42 -2.03
N ASP C 76 -14.83 -3.50 -1.34
CA ASP C 76 -15.81 -4.24 -0.54
C ASP C 76 -16.34 -3.38 0.59
N TRP C 77 -15.47 -2.69 1.30
CA TRP C 77 -15.92 -1.81 2.38
C TRP C 77 -16.72 -0.64 1.83
N LEU C 78 -16.23 0.01 0.77
CA LEU C 78 -16.92 1.16 0.21
C LEU C 78 -18.27 0.77 -0.35
N ASN C 79 -18.44 -0.49 -0.77
CA ASN C 79 -19.71 -0.97 -1.30
C ASN C 79 -20.63 -1.53 -0.22
N GLY C 80 -20.23 -1.47 1.04
CA GLY C 80 -21.13 -1.76 2.14
C GLY C 80 -21.19 -3.21 2.59
N LYS C 81 -20.18 -4.01 2.27
CA LYS C 81 -20.16 -5.38 2.73
C LYS C 81 -19.99 -5.43 4.25
N GLU C 82 -20.63 -6.42 4.87
CA GLU C 82 -20.62 -6.57 6.32
C GLU C 82 -19.54 -7.57 6.72
N TYR C 83 -18.76 -7.22 7.74
CA TYR C 83 -17.68 -8.05 8.23
C TYR C 83 -18.02 -8.49 9.64
N LYS C 84 -18.12 -9.81 9.84
CA LYS C 84 -18.53 -10.37 11.11
C LYS C 84 -17.35 -11.06 11.77
N CYS C 85 -17.14 -10.77 13.04
CA CYS C 85 -16.13 -11.44 13.87
C CYS C 85 -16.81 -12.37 14.85
N LYS C 86 -16.40 -13.63 14.85
CA LYS C 86 -16.94 -14.65 15.73
C LYS C 86 -15.84 -15.10 16.67
N VAL C 87 -16.09 -14.98 17.98
CA VAL C 87 -15.09 -15.25 19.02
C VAL C 87 -15.59 -16.41 19.86
N SER C 88 -14.78 -17.47 19.95
CA SER C 88 -15.09 -18.62 20.78
C SER C 88 -14.06 -18.72 21.90
N ASN C 89 -14.54 -19.11 23.08
CA ASN C 89 -13.69 -19.22 24.26
C ASN C 89 -14.42 -20.07 25.28
N LYS C 90 -13.67 -20.94 25.97
CA LYS C 90 -14.29 -21.88 26.90
C LYS C 90 -14.98 -21.19 28.07
N ALA C 91 -14.62 -19.94 28.36
CA ALA C 91 -15.29 -19.19 29.41
C ALA C 91 -16.63 -18.60 28.96
N LEU C 92 -16.94 -18.67 27.67
CA LEU C 92 -18.19 -18.15 27.13
C LEU C 92 -19.22 -19.27 26.99
N PRO C 93 -20.47 -19.04 27.38
CA PRO C 93 -21.50 -20.07 27.10
C PRO C 93 -21.71 -20.31 25.63
N ALA C 94 -21.52 -19.29 24.80
CA ALA C 94 -21.60 -19.43 23.35
C ALA C 94 -20.68 -18.40 22.72
N PRO C 95 -20.25 -18.63 21.48
CA PRO C 95 -19.37 -17.63 20.83
C PRO C 95 -20.06 -16.29 20.68
N ILE C 96 -19.23 -15.23 20.63
CA ILE C 96 -19.69 -13.86 20.46
C ILE C 96 -19.54 -13.49 18.98
N GLU C 97 -20.55 -12.81 18.44
CA GLU C 97 -20.55 -12.37 17.05
C GLU C 97 -20.76 -10.87 16.99
N LYS C 98 -19.86 -10.18 16.30
CA LYS C 98 -19.96 -8.74 16.08
C LYS C 98 -19.87 -8.46 14.59
N THR C 99 -20.70 -7.55 14.10
CA THR C 99 -20.73 -7.18 12.69
C THR C 99 -20.61 -5.67 12.54
N ILE C 100 -19.86 -5.23 11.53
CA ILE C 100 -19.73 -3.81 11.20
C ILE C 100 -19.78 -3.64 9.68
N SER C 101 -20.10 -2.42 9.27
CA SER C 101 -20.12 -2.07 7.85
C SER C 101 -20.10 -0.55 7.73
N LYS C 102 -19.87 -0.08 6.50
CA LYS C 102 -19.92 1.35 6.23
C LYS C 102 -21.33 1.88 6.44
N ALA C 103 -21.42 3.13 6.90
CA ALA C 103 -22.71 3.76 7.11
C ALA C 103 -23.47 3.90 5.80
N LYS C 104 -24.77 3.60 5.83
CA LYS C 104 -25.63 3.75 4.67
C LYS C 104 -26.15 5.18 4.56
N GLY C 105 -26.64 5.51 3.36
CA GLY C 105 -27.15 6.83 3.05
C GLY C 105 -26.51 7.40 1.80
N GLN C 106 -27.20 8.32 1.14
CA GLN C 106 -26.70 8.86 -0.11
C GLN C 106 -25.41 9.61 0.14
N PRO C 107 -24.28 9.23 -0.47
CA PRO C 107 -23.07 10.01 -0.27
C PRO C 107 -23.22 11.42 -0.83
N ARG C 108 -22.59 12.37 -0.16
CA ARG C 108 -22.65 13.77 -0.56
C ARG C 108 -21.24 14.35 -0.56
N GLU C 109 -20.94 15.11 -1.61
CA GLU C 109 -19.57 15.56 -1.82
C GLU C 109 -19.23 16.71 -0.87
N PRO C 110 -18.08 16.67 -0.20
CA PRO C 110 -17.70 17.80 0.64
C PRO C 110 -17.38 19.03 -0.18
N GLN C 111 -17.73 20.19 0.36
CA GLN C 111 -17.26 21.47 -0.13
C GLN C 111 -16.14 21.96 0.78
N VAL C 112 -15.00 22.28 0.19
CA VAL C 112 -13.78 22.60 0.93
C VAL C 112 -13.46 24.07 0.68
N TYR C 113 -13.37 24.84 1.75
CA TYR C 113 -13.03 26.25 1.70
C TYR C 113 -11.90 26.53 2.67
N THR C 114 -10.94 27.33 2.25
CA THR C 114 -9.85 27.78 3.11
C THR C 114 -10.12 29.20 3.54
N LEU C 115 -9.87 29.47 4.83
CA LEU C 115 -10.12 30.78 5.40
C LEU C 115 -8.81 31.32 5.94
N PRO C 116 -8.40 32.53 5.56
CA PRO C 116 -7.14 33.06 6.08
C PRO C 116 -7.29 33.44 7.55
N PRO C 117 -6.18 33.68 8.24
CA PRO C 117 -6.27 34.09 9.64
C PRO C 117 -6.92 35.46 9.78
N SER C 118 -7.67 35.63 10.86
CA SER C 118 -8.20 36.95 11.17
C SER C 118 -7.04 37.92 11.42
N ARG C 119 -7.18 39.15 10.93
CA ARG C 119 -6.16 40.15 11.19
C ARG C 119 -5.93 40.33 12.69
N GLU C 120 -6.97 40.13 13.50
CA GLU C 120 -6.82 40.31 14.93
C GLU C 120 -5.88 39.26 15.54
N GLU C 121 -5.69 38.13 14.86
CA GLU C 121 -4.74 37.12 15.29
C GLU C 121 -3.32 37.47 14.87
N MET C 122 -3.14 38.44 13.97
CA MET C 122 -1.83 38.84 13.49
C MET C 122 -1.00 39.54 14.56
N THR C 123 -1.44 39.62 15.81
CA THR C 123 -0.59 40.10 16.88
C THR C 123 0.14 38.98 17.62
N LYS C 124 -0.23 37.70 17.41
CA LYS C 124 0.44 36.56 18.04
C LYS C 124 1.58 36.05 17.16
N ASN C 125 2.61 35.49 17.81
CA ASN C 125 3.75 34.99 17.05
C ASN C 125 3.36 33.81 16.17
N GLN C 126 2.31 33.09 16.53
CA GLN C 126 1.80 31.99 15.73
C GLN C 126 0.40 32.33 15.25
N VAL C 127 0.07 31.82 14.05
CA VAL C 127 -1.17 32.16 13.37
C VAL C 127 -1.90 30.87 12.99
N SER C 128 -3.21 31.00 12.78
CA SER C 128 -4.10 29.87 12.53
C SER C 128 -4.60 29.91 11.09
N LEU C 129 -4.34 28.84 10.34
CA LEU C 129 -4.90 28.65 9.01
C LEU C 129 -6.06 27.66 9.13
N THR C 130 -7.20 28.02 8.54
CA THR C 130 -8.45 27.29 8.73
C THR C 130 -8.92 26.65 7.44
N CYS C 131 -9.41 25.41 7.55
CA CYS C 131 -10.02 24.69 6.44
C CYS C 131 -11.44 24.30 6.83
N LEU C 132 -12.41 24.81 6.10
CA LEU C 132 -13.83 24.47 6.32
C LEU C 132 -14.24 23.39 5.33
N VAL C 133 -14.66 22.24 5.84
CA VAL C 133 -15.18 21.15 5.03
C VAL C 133 -16.60 20.86 5.51
N LYS C 134 -17.57 20.98 4.61
CA LYS C 134 -18.97 20.89 4.98
C LYS C 134 -19.76 20.17 3.89
N GLY C 135 -20.93 19.67 4.29
CA GLY C 135 -21.87 19.11 3.33
C GLY C 135 -21.55 17.72 2.84
N PHE C 136 -20.81 16.93 3.61
CA PHE C 136 -20.40 15.60 3.18
C PHE C 136 -21.12 14.51 3.96
N TYR C 137 -21.23 13.34 3.33
CA TYR C 137 -21.83 12.16 3.93
C TYR C 137 -21.29 10.95 3.22
N PRO C 138 -20.94 9.86 3.94
CA PRO C 138 -20.99 9.72 5.40
C PRO C 138 -19.91 10.54 6.09
N SER C 139 -19.86 10.47 7.42
CA SER C 139 -18.92 11.27 8.18
C SER C 139 -17.48 10.80 8.03
N ASP C 140 -17.26 9.60 7.51
CA ASP C 140 -15.90 9.10 7.28
C ASP C 140 -15.14 10.06 6.39
N ILE C 141 -14.05 10.61 6.90
CA ILE C 141 -13.29 11.63 6.18
C ILE C 141 -11.91 11.75 6.82
N ALA C 142 -10.94 12.20 6.04
CA ALA C 142 -9.59 12.46 6.52
C ALA C 142 -9.14 13.79 5.96
N VAL C 143 -8.42 14.56 6.78
CA VAL C 143 -7.99 15.90 6.40
C VAL C 143 -6.52 16.07 6.80
N GLU C 144 -5.70 16.55 5.87
CA GLU C 144 -4.29 16.79 6.09
C GLU C 144 -3.91 18.15 5.50
N TRP C 145 -2.71 18.60 5.84
CA TRP C 145 -2.18 19.86 5.34
C TRP C 145 -0.84 19.62 4.63
N GLU C 146 -0.56 20.47 3.64
CA GLU C 146 0.66 20.37 2.85
C GLU C 146 1.18 21.75 2.52
N SER C 147 2.46 21.80 2.21
CA SER C 147 3.10 23.03 1.72
C SER C 147 4.30 22.63 0.89
N ASN C 148 4.30 23.02 -0.39
CA ASN C 148 5.38 22.69 -1.31
C ASN C 148 5.58 21.18 -1.41
N GLY C 149 4.46 20.45 -1.44
CA GLY C 149 4.48 19.02 -1.62
C GLY C 149 4.90 18.20 -0.43
N GLN C 150 5.12 18.82 0.73
CA GLN C 150 5.49 18.08 1.92
C GLN C 150 4.46 18.31 3.02
N PRO C 151 4.21 17.31 3.87
CA PRO C 151 3.14 17.44 4.86
C PRO C 151 3.49 18.43 5.97
N GLU C 152 2.47 19.18 6.38
CA GLU C 152 2.52 19.98 7.60
C GLU C 152 1.79 19.21 8.68
N ASN C 153 2.41 19.11 9.86
CA ASN C 153 1.93 18.22 10.91
C ASN C 153 1.57 18.97 12.20
N ASN C 154 1.44 20.29 12.14
CA ASN C 154 1.07 21.06 13.32
C ASN C 154 -0.32 21.62 13.12
N TYR C 155 -1.26 20.71 12.89
CA TYR C 155 -2.67 21.03 12.71
C TYR C 155 -3.50 20.15 13.63
N LYS C 156 -4.68 20.66 13.97
CA LYS C 156 -5.67 19.90 14.74
C LYS C 156 -6.98 20.00 13.99
N THR C 157 -7.73 18.90 13.94
CA THR C 157 -8.99 18.86 13.21
C THR C 157 -10.13 18.43 14.13
N THR C 158 -11.25 19.14 14.04
CA THR C 158 -12.41 18.80 14.85
C THR C 158 -13.05 17.52 14.33
N PRO C 159 -13.85 16.84 15.15
CA PRO C 159 -14.64 15.71 14.65
C PRO C 159 -15.72 16.20 13.70
N PRO C 160 -16.22 15.35 12.81
CA PRO C 160 -17.38 15.73 12.00
C PRO C 160 -18.59 15.95 12.89
N VAL C 161 -19.34 17.00 12.61
CA VAL C 161 -20.52 17.37 13.38
C VAL C 161 -21.73 17.39 12.46
N LEU C 162 -22.84 16.86 12.95
CA LEU C 162 -24.05 16.81 12.14
C LEU C 162 -24.62 18.21 11.93
N ASP C 163 -24.85 18.55 10.66
CA ASP C 163 -25.41 19.84 10.30
C ASP C 163 -26.93 19.72 10.17
N SER C 164 -27.59 20.86 9.91
CA SER C 164 -29.04 20.86 9.87
C SER C 164 -29.58 20.06 8.69
N ASP C 165 -28.89 20.06 7.56
CA ASP C 165 -29.40 19.41 6.36
C ASP C 165 -29.08 17.91 6.33
N GLY C 166 -28.66 17.33 7.44
CA GLY C 166 -28.34 15.93 7.52
C GLY C 166 -26.92 15.59 7.12
N SER C 167 -26.17 16.53 6.56
CA SER C 167 -24.78 16.31 6.22
C SER C 167 -23.89 16.65 7.41
N PHE C 168 -22.58 16.48 7.24
CA PHE C 168 -21.61 16.75 8.27
C PHE C 168 -20.67 17.86 7.83
N PHE C 169 -20.07 18.54 8.80
CA PHE C 169 -19.03 19.51 8.53
C PHE C 169 -17.99 19.44 9.65
N LEU C 170 -16.81 19.99 9.37
CA LEU C 170 -15.75 20.08 10.36
C LEU C 170 -14.82 21.23 10.00
N TYR C 171 -13.91 21.53 10.91
CA TYR C 171 -12.85 22.50 10.68
C TYR C 171 -11.51 21.86 10.98
N SER C 172 -10.50 22.26 10.21
CA SER C 172 -9.11 21.90 10.49
C SER C 172 -8.30 23.17 10.68
N LYS C 173 -7.53 23.22 11.76
CA LYS C 173 -6.75 24.40 12.11
C LYS C 173 -5.26 24.05 12.03
N LEU C 174 -4.56 24.67 11.08
CA LEU C 174 -3.12 24.52 10.94
C LEU C 174 -2.44 25.76 11.52
N THR C 175 -1.54 25.55 12.47
CA THR C 175 -0.80 26.63 13.10
C THR C 175 0.57 26.76 12.45
N VAL C 176 0.89 27.98 12.00
CA VAL C 176 2.18 28.27 11.39
C VAL C 176 2.74 29.53 12.02
N ASP C 177 4.06 29.69 11.92
CA ASP C 177 4.71 30.91 12.38
C ASP C 177 4.22 32.10 11.57
N LYS C 178 3.95 33.21 12.26
CA LYS C 178 3.43 34.39 11.57
C LYS C 178 4.34 34.77 10.41
N SER C 179 5.65 34.59 10.57
CA SER C 179 6.60 34.95 9.52
C SER C 179 6.34 34.17 8.24
N ARG C 180 6.03 32.88 8.36
CA ARG C 180 5.81 32.05 7.18
C ARG C 180 4.61 32.54 6.39
N TRP C 181 3.56 32.98 7.08
CA TRP C 181 2.36 33.44 6.38
C TRP C 181 2.60 34.73 5.63
N GLN C 182 3.32 35.68 6.25
CA GLN C 182 3.57 36.97 5.60
C GLN C 182 4.55 36.85 4.44
N GLN C 183 5.39 35.81 4.42
CA GLN C 183 6.36 35.65 3.35
C GLN C 183 5.77 35.06 2.08
N GLY C 184 4.46 34.79 2.07
CA GLY C 184 3.78 34.29 0.89
C GLY C 184 3.83 32.79 0.68
N ASN C 185 4.21 32.02 1.70
CA ASN C 185 4.22 30.57 1.56
C ASN C 185 2.80 30.07 1.31
N VAL C 186 2.68 29.12 0.38
CA VAL C 186 1.39 28.57 -0.02
C VAL C 186 1.13 27.29 0.77
N PHE C 187 -0.05 27.21 1.38
CA PHE C 187 -0.48 26.05 2.13
C PHE C 187 -1.70 25.43 1.46
N SER C 188 -1.89 24.13 1.68
CA SER C 188 -2.93 23.36 1.01
C SER C 188 -3.68 22.51 2.03
N CYS C 189 -5.00 22.60 2.00
CA CYS C 189 -5.86 21.71 2.77
C CYS C 189 -6.19 20.50 1.91
N SER C 190 -5.83 19.31 2.39
CA SER C 190 -6.11 18.07 1.69
C SER C 190 -7.26 17.34 2.37
N VAL C 191 -8.27 16.98 1.59
CA VAL C 191 -9.48 16.32 2.08
C VAL C 191 -9.64 15.02 1.31
N MET C 192 -9.94 13.93 2.02
CA MET C 192 -10.14 12.63 1.42
C MET C 192 -11.53 12.11 1.80
N HIS C 193 -12.35 11.80 0.80
CA HIS C 193 -13.73 11.40 1.02
C HIS C 193 -14.20 10.62 -0.21
N GLU C 194 -15.08 9.64 0.03
CA GLU C 194 -15.51 8.76 -1.06
C GLU C 194 -16.26 9.53 -2.14
N ALA C 195 -16.96 10.60 -1.77
CA ALA C 195 -17.76 11.36 -2.72
C ALA C 195 -16.94 12.38 -3.49
N LEU C 196 -15.61 12.41 -3.31
CA LEU C 196 -14.74 13.27 -4.10
C LEU C 196 -14.16 12.45 -5.24
N HIS C 197 -13.97 13.11 -6.38
CA HIS C 197 -13.32 12.44 -7.49
C HIS C 197 -11.89 12.08 -7.08
N ASN C 198 -11.47 10.86 -7.40
CA ASN C 198 -10.21 10.29 -6.96
C ASN C 198 -10.13 10.13 -5.44
N HIS C 199 -11.24 10.36 -4.73
CA HIS C 199 -11.33 10.28 -3.28
C HIS C 199 -10.51 11.35 -2.56
N TYR C 200 -10.07 12.40 -3.25
CA TYR C 200 -9.35 13.45 -2.56
C TYR C 200 -9.38 14.73 -3.39
N THR C 201 -9.25 15.87 -2.70
CA THR C 201 -9.12 17.16 -3.35
C THR C 201 -8.26 18.06 -2.47
N GLN C 202 -7.85 19.19 -3.03
CA GLN C 202 -7.01 20.14 -2.30
C GLN C 202 -7.47 21.56 -2.58
N LYS C 203 -7.33 22.41 -1.56
CA LYS C 203 -7.65 23.82 -1.68
C LYS C 203 -6.47 24.63 -1.16
N SER C 204 -6.09 25.66 -1.90
CA SER C 204 -4.93 26.46 -1.57
C SER C 204 -5.28 27.58 -0.59
N LEU C 205 -4.25 28.09 0.07
CA LEU C 205 -4.40 29.20 1.00
C LEU C 205 -3.07 29.91 1.14
N SER C 206 -3.02 31.19 0.74
CA SER C 206 -1.78 31.94 0.88
C SER C 206 -2.08 33.43 0.90
N LEU C 207 -1.10 34.20 1.37
CA LEU C 207 -1.19 35.66 1.39
C LEU C 207 -0.85 36.19 0.00
N SER C 208 -1.84 36.74 -0.71
CA SER C 208 -1.51 37.26 -2.04
C SER C 208 -1.00 38.70 -1.93
N PRO C 209 -0.11 39.13 -2.84
CA PRO C 209 0.39 40.51 -2.83
C PRO C 209 -0.72 41.53 -3.10
N VAL D 1 0.44 18.54 -3.68
CA VAL D 1 0.22 17.07 -3.58
C VAL D 1 1.35 16.46 -2.76
N ASP D 2 1.07 15.36 -2.06
CA ASP D 2 2.01 14.78 -1.12
C ASP D 2 3.29 14.28 -1.77
N ASN D 3 3.43 14.35 -3.10
CA ASN D 3 4.61 13.83 -3.79
C ASN D 3 4.73 12.33 -3.61
N LYS D 4 4.78 11.87 -2.35
CA LYS D 4 4.77 10.43 -2.09
C LYS D 4 3.61 9.73 -2.77
N LEU D 5 2.47 10.42 -2.91
CA LEU D 5 1.29 9.79 -3.49
C LEU D 5 1.53 9.49 -4.96
N ASN D 6 1.18 8.28 -5.37
CA ASN D 6 1.17 7.90 -6.79
C ASN D 6 -0.17 8.35 -7.36
N LYS D 7 -0.17 9.54 -7.99
CA LYS D 7 -1.43 10.14 -8.41
C LYS D 7 -2.14 9.28 -9.44
N GLU D 8 -1.41 8.77 -10.42
CA GLU D 8 -2.02 7.97 -11.48
C GLU D 8 -2.59 6.66 -10.94
N GLN D 9 -1.89 6.04 -9.99
CA GLN D 9 -2.39 4.81 -9.38
C GLN D 9 -3.71 5.07 -8.64
N GLN D 10 -3.75 6.12 -7.83
CA GLN D 10 -4.98 6.46 -7.10
C GLN D 10 -6.13 6.73 -8.05
N ASN D 11 -5.86 7.44 -9.16
CA ASN D 11 -6.91 7.75 -10.12
C ASN D 11 -7.38 6.49 -10.84
N ALA D 12 -6.45 5.63 -11.26
CA ALA D 12 -6.85 4.37 -11.89
C ALA D 12 -7.74 3.56 -10.96
N PHE D 13 -7.41 3.53 -9.67
CA PHE D 13 -8.27 2.87 -8.69
C PHE D 13 -9.66 3.47 -8.68
N TYR D 14 -9.75 4.79 -8.62
CA TYR D 14 -11.05 5.45 -8.52
C TYR D 14 -11.89 5.19 -9.78
N GLU D 15 -11.29 5.38 -10.95
CA GLU D 15 -12.05 5.20 -12.19
C GLU D 15 -12.51 3.75 -12.33
N ILE D 16 -11.62 2.79 -12.07
CA ILE D 16 -12.01 1.38 -12.12
C ILE D 16 -13.12 1.11 -11.13
N LEU D 17 -13.07 1.74 -9.96
CA LEU D 17 -14.10 1.55 -8.95
C LEU D 17 -15.48 1.96 -9.45
N HIS D 18 -15.53 2.89 -10.42
CA HIS D 18 -16.78 3.48 -10.86
C HIS D 18 -17.16 3.13 -12.29
N LEU D 19 -16.41 2.28 -12.97
CA LEU D 19 -16.81 1.84 -14.31
C LEU D 19 -18.10 1.04 -14.22
N PRO D 20 -19.18 1.49 -14.84
CA PRO D 20 -20.50 0.92 -14.51
C PRO D 20 -20.73 -0.49 -15.06
N ASN D 21 -20.10 -0.87 -16.16
CA ASN D 21 -20.43 -2.13 -16.83
C ASN D 21 -19.59 -3.31 -16.39
N LEU D 22 -18.59 -3.12 -15.54
CA LEU D 22 -17.80 -4.23 -15.02
C LEU D 22 -18.56 -4.96 -13.93
N ASN D 23 -18.40 -6.28 -13.87
CA ASN D 23 -18.89 -7.01 -12.72
C ASN D 23 -17.86 -6.93 -11.59
N GLU D 24 -18.25 -7.40 -10.41
CA GLU D 24 -17.41 -7.18 -9.24
CA GLU D 24 -17.44 -7.23 -9.22
C GLU D 24 -16.10 -7.96 -9.32
N GLU D 25 -16.08 -9.08 -10.05
CA GLU D 25 -14.84 -9.86 -10.12
C GLU D 25 -13.83 -9.18 -11.04
N GLN D 26 -14.31 -8.63 -12.16
CA GLN D 26 -13.42 -7.91 -13.07
C GLN D 26 -12.90 -6.64 -12.41
N ARG D 27 -13.78 -5.88 -11.78
CA ARG D 27 -13.35 -4.73 -10.99
C ARG D 27 -12.31 -5.14 -9.97
N LYS D 28 -12.52 -6.30 -9.32
CA LYS D 28 -11.58 -6.78 -8.32
C LYS D 28 -10.23 -7.12 -8.93
N ALA D 29 -10.22 -7.74 -10.11
CA ALA D 29 -8.97 -8.16 -10.72
C ALA D 29 -8.15 -6.96 -11.19
N PHE D 30 -8.80 -5.96 -11.78
CA PHE D 30 -8.07 -4.78 -12.23
C PHE D 30 -7.50 -4.01 -11.05
N ILE D 31 -8.30 -3.77 -10.02
CA ILE D 31 -7.81 -3.06 -8.83
C ILE D 31 -6.63 -3.80 -8.22
N GLN D 32 -6.74 -5.14 -8.12
CA GLN D 32 -5.66 -5.91 -7.50
C GLN D 32 -4.36 -5.77 -8.27
N SER D 33 -4.43 -5.66 -9.60
CA SER D 33 -3.23 -5.49 -10.41
C SER D 33 -2.53 -4.15 -10.16
N LEU D 34 -3.18 -3.22 -9.46
CA LEU D 34 -2.55 -1.95 -9.13
C LEU D 34 -1.59 -2.05 -7.95
N ILE D 35 -1.64 -3.13 -7.16
CA ILE D 35 -0.92 -3.16 -5.89
C ILE D 35 -0.21 -4.50 -5.63
N ASP D 36 -0.24 -5.42 -6.60
CA ASP D 36 0.34 -6.74 -6.38
C ASP D 36 1.36 -7.12 -7.45
N GLY D 37 1.95 -6.15 -8.13
CA GLY D 37 2.99 -6.41 -9.11
C GLY D 37 2.47 -6.64 -10.52
N GLY D 38 1.27 -7.21 -10.65
CA GLY D 38 0.75 -7.54 -11.97
C GLY D 38 0.82 -6.40 -12.96
N GLY D 39 0.56 -5.17 -12.49
CA GLY D 39 0.60 -4.00 -13.35
C GLY D 39 1.99 -3.48 -13.68
N ASP D 40 3.02 -3.92 -12.95
CA ASP D 40 4.40 -3.46 -13.16
C ASP D 40 4.99 -4.18 -14.37
N THR D 41 4.62 -3.70 -15.56
CA THR D 41 4.94 -4.42 -16.79
C THR D 41 6.43 -4.39 -17.11
N ASN D 42 7.14 -3.32 -16.71
CA ASN D 42 8.57 -3.22 -16.96
C ASN D 42 9.41 -3.78 -15.82
N GLY D 43 8.78 -4.28 -14.76
CA GLY D 43 9.48 -4.94 -13.68
C GLY D 43 10.48 -4.09 -12.92
N ASN D 44 10.23 -2.79 -12.81
CA ASN D 44 11.08 -1.93 -12.01
C ASN D 44 10.57 -1.82 -10.57
N GLY D 45 9.49 -2.53 -10.24
CA GLY D 45 8.95 -2.56 -8.89
C GLY D 45 8.01 -1.44 -8.56
N TYR D 46 7.81 -0.50 -9.47
CA TYR D 46 6.98 0.67 -9.23
C TYR D 46 5.96 0.81 -10.34
N LEU D 47 4.73 1.16 -9.97
CA LEU D 47 3.66 1.30 -10.94
C LEU D 47 3.77 2.69 -11.56
N ASP D 48 4.39 2.77 -12.74
CA ASP D 48 4.58 4.04 -13.42
C ASP D 48 3.26 4.56 -13.96
N ALA D 49 3.24 5.85 -14.30
CA ALA D 49 2.03 6.44 -14.86
C ALA D 49 1.60 5.70 -16.11
N GLU D 50 2.55 5.33 -16.97
CA GLU D 50 2.24 4.58 -18.17
C GLU D 50 1.53 3.28 -17.83
N GLU D 51 2.01 2.57 -16.80
CA GLU D 51 1.40 1.29 -16.45
C GLU D 51 0.01 1.49 -15.87
N SER D 52 -0.20 2.55 -15.09
CA SER D 52 -1.53 2.85 -14.58
C SER D 52 -2.48 3.14 -15.73
N ALA D 53 -2.05 3.97 -16.68
CA ALA D 53 -2.91 4.31 -17.80
C ALA D 53 -3.27 3.07 -18.63
N ASN D 54 -2.31 2.16 -18.79
CA ASN D 54 -2.57 0.97 -19.59
C ASN D 54 -3.57 0.04 -18.90
N LEU D 55 -3.45 -0.11 -17.57
CA LEU D 55 -4.45 -0.89 -16.84
C LEU D 55 -5.81 -0.22 -16.90
N LEU D 56 -5.84 1.11 -16.78
CA LEU D 56 -7.10 1.83 -16.87
C LEU D 56 -7.71 1.68 -18.27
N ALA D 57 -6.88 1.84 -19.32
CA ALA D 57 -7.38 1.68 -20.68
C ALA D 57 -7.94 0.29 -20.89
N GLU D 58 -7.30 -0.73 -20.32
CA GLU D 58 -7.82 -2.08 -20.44
C GLU D 58 -9.15 -2.23 -19.71
N ALA D 59 -9.28 -1.60 -18.55
CA ALA D 59 -10.55 -1.65 -17.81
C ALA D 59 -11.64 -0.90 -18.57
N LYS D 60 -11.33 0.28 -19.12
CA LYS D 60 -12.32 1.02 -19.91
C LYS D 60 -12.74 0.22 -21.14
N LYS D 61 -11.81 -0.51 -21.75
CA LYS D 61 -12.14 -1.28 -22.94
C LYS D 61 -13.11 -2.40 -22.63
N LEU D 62 -12.86 -3.14 -21.54
CA LEU D 62 -13.78 -4.19 -21.15
C LEU D 62 -15.13 -3.62 -20.74
N ASN D 63 -15.14 -2.44 -20.12
CA ASN D 63 -16.40 -1.82 -19.72
C ASN D 63 -17.24 -1.47 -20.95
N ASP D 64 -16.62 -0.93 -22.00
CA ASP D 64 -17.35 -0.61 -23.22
C ASP D 64 -17.77 -1.86 -23.98
N ALA D 65 -16.90 -2.88 -23.99
CA ALA D 65 -17.20 -4.12 -24.70
C ALA D 65 -18.37 -4.89 -24.12
N ARG D 66 -18.78 -4.57 -22.89
CA ARG D 66 -19.89 -5.25 -22.24
C ARG D 66 -21.21 -4.51 -22.35
N ALA D 67 -21.24 -3.35 -23.01
CA ALA D 67 -22.48 -2.60 -23.23
C ALA D 67 -23.25 -2.44 -21.92
N GLY E 1 7.33 8.87 -33.96
CA GLY E 1 7.29 8.12 -35.19
C GLY E 1 7.20 6.62 -34.97
N PRO E 2 6.70 5.88 -35.95
CA PRO E 2 6.63 4.42 -35.81
C PRO E 2 8.00 3.81 -35.61
N SER E 3 8.03 2.69 -34.89
CA SER E 3 9.22 1.88 -34.70
C SER E 3 8.96 0.48 -35.23
N VAL E 4 10.03 -0.19 -35.65
CA VAL E 4 9.92 -1.50 -36.28
C VAL E 4 10.76 -2.50 -35.51
N PHE E 5 10.21 -3.70 -35.33
CA PHE E 5 10.92 -4.82 -34.73
C PHE E 5 10.67 -6.06 -35.57
N LEU E 6 11.75 -6.69 -36.00
CA LEU E 6 11.69 -7.85 -36.89
C LEU E 6 12.08 -9.08 -36.08
N PHE E 7 11.18 -10.06 -36.04
CA PHE E 7 11.35 -11.23 -35.19
C PHE E 7 11.60 -12.48 -36.01
N PRO E 8 12.47 -13.36 -35.56
CA PRO E 8 12.72 -14.60 -36.29
C PRO E 8 11.60 -15.58 -36.06
N PRO E 9 11.60 -16.72 -36.76
CA PRO E 9 10.60 -17.76 -36.49
C PRO E 9 10.88 -18.46 -35.17
N LYS E 10 9.86 -19.15 -34.68
CA LYS E 10 10.01 -19.93 -33.46
C LYS E 10 10.91 -21.14 -33.74
N PRO E 11 11.85 -21.44 -32.83
CA PRO E 11 12.77 -22.56 -33.08
C PRO E 11 12.08 -23.85 -33.50
N LYS E 12 10.96 -24.18 -32.85
CA LYS E 12 10.24 -25.40 -33.21
C LYS E 12 9.75 -25.37 -34.65
N ASP E 13 9.36 -24.21 -35.15
CA ASP E 13 8.79 -24.12 -36.49
C ASP E 13 9.83 -24.37 -37.57
N THR E 14 11.07 -23.92 -37.35
CA THR E 14 12.12 -24.09 -38.36
C THR E 14 12.72 -25.49 -38.33
N LEU E 15 12.57 -26.22 -37.24
CA LEU E 15 13.22 -27.52 -37.07
C LEU E 15 12.30 -28.68 -37.43
N MET E 16 10.99 -28.51 -37.29
CA MET E 16 10.02 -29.57 -37.59
C MET E 16 9.40 -29.30 -38.95
N ILE E 17 9.53 -30.27 -39.87
CA ILE E 17 9.09 -30.07 -41.25
C ILE E 17 7.58 -29.91 -41.32
N SER E 18 6.84 -30.49 -40.37
CA SER E 18 5.39 -30.42 -40.38
C SER E 18 4.84 -29.06 -39.95
N ARG E 19 5.70 -28.12 -39.58
CA ARG E 19 5.28 -26.81 -39.14
C ARG E 19 5.74 -25.74 -40.12
N THR E 20 5.17 -24.55 -39.98
CA THR E 20 5.41 -23.44 -40.89
C THR E 20 6.14 -22.32 -40.17
N PRO E 21 7.43 -22.13 -40.39
CA PRO E 21 8.13 -21.00 -39.77
C PRO E 21 7.78 -19.69 -40.45
N GLU E 22 7.77 -18.63 -39.65
CA GLU E 22 7.39 -17.30 -40.12
C GLU E 22 8.33 -16.27 -39.51
N VAL E 23 8.66 -15.26 -40.30
CA VAL E 23 9.30 -14.06 -39.80
C VAL E 23 8.23 -12.99 -39.67
N THR E 24 8.29 -12.21 -38.58
CA THR E 24 7.22 -11.29 -38.22
C THR E 24 7.79 -9.89 -38.14
N CYS E 25 7.21 -8.97 -38.91
CA CYS E 25 7.58 -7.56 -38.88
C CYS E 25 6.49 -6.80 -38.16
N VAL E 26 6.83 -6.20 -37.03
CA VAL E 26 5.88 -5.52 -36.16
C VAL E 26 6.18 -4.03 -36.23
N VAL E 27 5.15 -3.24 -36.51
CA VAL E 27 5.26 -1.78 -36.53
C VAL E 27 4.43 -1.23 -35.39
N VAL E 28 5.09 -0.52 -34.47
CA VAL E 28 4.44 0.03 -33.30
C VAL E 28 4.45 1.55 -33.41
N ASP E 29 3.68 2.20 -32.53
CA ASP E 29 3.57 3.65 -32.52
C ASP E 29 3.09 4.20 -33.87
N VAL E 30 2.13 3.51 -34.48
CA VAL E 30 1.50 4.00 -35.70
C VAL E 30 0.40 4.99 -35.31
N SER E 31 0.41 6.16 -35.95
CA SER E 31 -0.48 7.23 -35.54
C SER E 31 -1.89 7.01 -36.07
N HIS E 32 -2.85 7.71 -35.44
CA HIS E 32 -4.24 7.66 -35.87
C HIS E 32 -4.47 8.42 -37.17
N GLU E 33 -3.70 9.48 -37.43
CA GLU E 33 -3.86 10.26 -38.65
C GLU E 33 -3.29 9.55 -39.88
N ASP E 34 -2.16 8.87 -39.74
CA ASP E 34 -1.49 8.17 -40.84
C ASP E 34 -1.33 6.71 -40.45
N PRO E 35 -2.43 5.95 -40.41
CA PRO E 35 -2.34 4.54 -40.01
C PRO E 35 -1.99 3.58 -41.14
N GLU E 36 -1.91 4.05 -42.38
CA GLU E 36 -1.56 3.19 -43.49
C GLU E 36 -0.08 2.83 -43.43
N VAL E 37 0.22 1.54 -43.53
CA VAL E 37 1.59 1.04 -43.50
C VAL E 37 1.82 0.21 -44.76
N LYS E 38 2.96 0.42 -45.41
CA LYS E 38 3.34 -0.39 -46.56
C LYS E 38 4.52 -1.26 -46.18
N PHE E 39 4.44 -2.54 -46.50
CA PHE E 39 5.49 -3.51 -46.22
C PHE E 39 6.14 -3.95 -47.52
N ASN E 40 7.47 -4.01 -47.52
CA ASN E 40 8.23 -4.60 -48.60
C ASN E 40 9.16 -5.65 -48.00
N TRP E 41 8.97 -6.91 -48.38
CA TRP E 41 9.77 -8.01 -47.89
C TRP E 41 10.80 -8.41 -48.93
N TYR E 42 11.98 -8.81 -48.46
CA TYR E 42 13.04 -9.30 -49.33
C TYR E 42 13.66 -10.53 -48.72
N VAL E 43 13.85 -11.56 -49.53
CA VAL E 43 14.49 -12.81 -49.12
C VAL E 43 15.77 -12.93 -49.93
N ASP E 44 16.91 -12.75 -49.27
CA ASP E 44 18.21 -12.78 -49.96
C ASP E 44 18.28 -11.70 -51.04
N GLY E 45 17.65 -10.55 -50.79
CA GLY E 45 17.73 -9.40 -51.66
C GLY E 45 16.64 -9.28 -52.71
N VAL E 46 15.86 -10.32 -52.94
CA VAL E 46 14.80 -10.29 -53.95
C VAL E 46 13.46 -10.09 -53.25
N GLU E 47 12.65 -9.17 -53.77
CA GLU E 47 11.36 -8.88 -53.16
C GLU E 47 10.39 -10.05 -53.34
N VAL E 48 9.63 -10.33 -52.29
CA VAL E 48 8.62 -11.39 -52.30
C VAL E 48 7.27 -10.75 -52.00
N HIS E 49 6.20 -11.47 -52.36
CA HIS E 49 4.85 -10.92 -52.28
C HIS E 49 3.87 -11.86 -51.59
N ASN E 50 4.36 -12.86 -50.87
CA ASN E 50 3.49 -13.80 -50.17
C ASN E 50 3.29 -13.41 -48.71
N ALA E 51 3.67 -12.20 -48.31
CA ALA E 51 3.49 -11.77 -46.94
C ALA E 51 2.04 -11.37 -46.70
N LYS E 52 1.61 -11.48 -45.45
CA LYS E 52 0.25 -11.17 -45.06
C LYS E 52 0.26 -10.12 -43.97
N THR E 53 -0.50 -9.04 -44.17
CA THR E 53 -0.60 -7.95 -43.20
C THR E 53 -1.83 -8.17 -42.34
N LYS E 54 -1.61 -8.26 -41.04
CA LYS E 54 -2.74 -8.46 -40.15
C LYS E 54 -3.44 -7.13 -39.91
N PRO E 55 -4.75 -7.14 -39.65
CA PRO E 55 -5.44 -5.87 -39.43
C PRO E 55 -4.85 -5.12 -38.25
N ARG E 56 -4.71 -3.81 -38.41
CA ARG E 56 -4.14 -2.97 -37.37
C ARG E 56 -4.94 -3.08 -36.09
N GLU E 57 -4.24 -3.00 -34.96
CA GLU E 57 -4.83 -3.15 -33.63
C GLU E 57 -4.44 -1.97 -32.78
N GLU E 58 -5.44 -1.25 -32.27
CA GLU E 58 -5.16 -0.14 -31.37
C GLU E 58 -4.76 -0.70 -30.01
N GLN E 59 -3.71 -0.12 -29.43
CA GLN E 59 -3.19 -0.59 -28.16
C GLN E 59 -3.75 0.25 -27.02
N TYR E 60 -3.48 -0.21 -25.79
CA TYR E 60 -3.98 0.49 -24.60
C TYR E 60 -3.37 1.89 -24.47
N ASN E 61 -2.22 2.13 -25.09
CA ASN E 61 -1.60 3.46 -25.07
C ASN E 61 -2.07 4.34 -26.21
N SER E 62 -3.15 3.97 -26.90
CA SER E 62 -3.74 4.77 -27.97
C SER E 62 -2.81 4.93 -29.17
N THR E 63 -2.18 3.84 -29.58
CA THR E 63 -1.40 3.80 -30.81
C THR E 63 -1.73 2.50 -31.53
N TYR E 64 -1.57 2.50 -32.85
CA TYR E 64 -1.83 1.30 -33.63
C TYR E 64 -0.60 0.42 -33.70
N ARG E 65 -0.86 -0.89 -33.79
CA ARG E 65 0.17 -1.90 -33.99
C ARG E 65 -0.21 -2.71 -35.23
N VAL E 66 0.66 -2.69 -36.23
CA VAL E 66 0.42 -3.40 -37.48
C VAL E 66 1.52 -4.44 -37.67
N VAL E 67 1.11 -5.66 -38.01
CA VAL E 67 2.03 -6.79 -38.10
C VAL E 67 1.95 -7.37 -39.50
N SER E 68 3.12 -7.71 -40.05
CA SER E 68 3.22 -8.42 -41.32
C SER E 68 3.92 -9.74 -41.09
N VAL E 69 3.35 -10.82 -41.63
CA VAL E 69 3.84 -12.17 -41.41
C VAL E 69 4.24 -12.75 -42.75
N LEU E 70 5.48 -13.26 -42.83
CA LEU E 70 6.00 -13.88 -44.04
C LEU E 70 6.39 -15.32 -43.74
N THR E 71 5.76 -16.26 -44.43
CA THR E 71 6.17 -17.65 -44.34
C THR E 71 7.57 -17.82 -44.95
N VAL E 72 8.39 -18.63 -44.29
CA VAL E 72 9.75 -18.90 -44.76
C VAL E 72 9.91 -20.41 -44.93
N LEU E 73 10.84 -20.79 -45.80
CA LEU E 73 11.20 -22.19 -45.95
C LEU E 73 12.20 -22.60 -44.88
N HIS E 74 11.99 -23.79 -44.32
CA HIS E 74 12.85 -24.28 -43.24
C HIS E 74 14.32 -24.17 -43.61
N GLN E 75 14.69 -24.68 -44.79
CA GLN E 75 16.11 -24.74 -45.17
C GLN E 75 16.68 -23.35 -45.44
N ASP E 76 15.87 -22.42 -45.94
CA ASP E 76 16.38 -21.07 -46.21
C ASP E 76 16.83 -20.39 -44.92
N TRP E 77 16.02 -20.48 -43.87
CA TRP E 77 16.41 -19.88 -42.60
C TRP E 77 17.60 -20.61 -41.99
N LEU E 78 17.58 -21.94 -42.01
CA LEU E 78 18.66 -22.71 -41.40
C LEU E 78 19.98 -22.49 -42.12
N ASN E 79 19.95 -22.14 -43.41
CA ASN E 79 21.15 -21.89 -44.17
C ASN E 79 21.61 -20.43 -44.12
N GLY E 80 20.91 -19.57 -43.38
CA GLY E 80 21.39 -18.23 -43.11
C GLY E 80 20.96 -17.16 -44.08
N LYS E 81 19.88 -17.37 -44.83
CA LYS E 81 19.39 -16.32 -45.72
C LYS E 81 18.87 -15.13 -44.90
N GLU E 82 19.03 -13.95 -45.46
CA GLU E 82 18.65 -12.70 -44.80
C GLU E 82 17.25 -12.29 -45.25
N TYR E 83 16.43 -11.89 -44.28
CA TYR E 83 15.06 -11.44 -44.52
C TYR E 83 14.97 -9.98 -44.13
N LYS E 84 14.63 -9.13 -45.09
CA LYS E 84 14.55 -7.69 -44.88
C LYS E 84 13.10 -7.25 -44.89
N CYS E 85 12.71 -6.49 -43.87
CA CYS E 85 11.41 -5.84 -43.82
C CYS E 85 11.60 -4.34 -43.96
N LYS E 86 10.91 -3.75 -44.94
CA LYS E 86 10.95 -2.31 -45.16
C LYS E 86 9.56 -1.75 -44.91
N VAL E 87 9.48 -0.76 -44.02
CA VAL E 87 8.21 -0.22 -43.56
C VAL E 87 8.13 1.24 -44.00
N SER E 88 7.07 1.57 -44.75
CA SER E 88 6.82 2.93 -45.19
C SER E 88 5.56 3.47 -44.53
N ASN E 89 5.60 4.75 -44.18
CA ASN E 89 4.49 5.42 -43.50
C ASN E 89 4.72 6.91 -43.60
N LYS E 90 3.65 7.67 -43.84
CA LYS E 90 3.82 9.10 -44.07
C LYS E 90 4.38 9.83 -42.86
N ALA E 91 4.29 9.24 -41.67
CA ALA E 91 4.89 9.86 -40.50
C ALA E 91 6.39 9.67 -40.45
N LEU E 92 6.96 8.83 -41.31
CA LEU E 92 8.41 8.61 -41.35
C LEU E 92 9.03 9.49 -42.43
N PRO E 93 10.14 10.17 -42.16
CA PRO E 93 10.80 10.90 -43.25
C PRO E 93 11.30 9.98 -44.36
N ALA E 94 11.67 8.75 -44.00
CA ALA E 94 12.09 7.75 -44.98
C ALA E 94 11.72 6.38 -44.43
N PRO E 95 11.61 5.38 -45.30
CA PRO E 95 11.25 4.03 -44.81
C PRO E 95 12.30 3.49 -43.85
N ILE E 96 11.85 2.61 -42.96
CA ILE E 96 12.72 1.92 -42.01
C ILE E 96 12.98 0.51 -42.55
N GLU E 97 14.22 0.07 -42.46
CA GLU E 97 14.63 -1.25 -42.92
C GLU E 97 15.28 -2.02 -41.78
N LYS E 98 14.79 -3.23 -41.54
CA LYS E 98 15.37 -4.13 -40.55
C LYS E 98 15.67 -5.46 -41.22
N THR E 99 16.83 -6.03 -40.89
CA THR E 99 17.26 -7.30 -41.46
C THR E 99 17.60 -8.26 -40.33
N ILE E 100 17.23 -9.53 -40.50
CA ILE E 100 17.55 -10.58 -39.55
C ILE E 100 17.98 -11.84 -40.30
N SER E 101 18.62 -12.73 -39.55
CA SER E 101 19.06 -14.02 -40.07
C SER E 101 19.33 -14.94 -38.89
N LYS E 102 19.53 -16.21 -39.20
CA LYS E 102 19.83 -17.19 -38.16
C LYS E 102 21.13 -16.85 -37.43
N ALA E 103 21.17 -17.16 -36.14
CA ALA E 103 22.36 -16.91 -35.35
C ALA E 103 23.54 -17.71 -35.89
N LYS E 104 24.68 -17.04 -36.03
CA LYS E 104 25.90 -17.66 -36.50
C LYS E 104 26.71 -18.25 -35.34
N GLY E 105 27.62 -19.16 -35.69
CA GLY E 105 28.44 -19.83 -34.70
C GLY E 105 28.40 -21.34 -34.84
N GLN E 106 29.43 -22.01 -34.34
CA GLN E 106 29.52 -23.46 -34.44
C GLN E 106 28.39 -24.11 -33.66
N PRO E 107 27.49 -24.87 -34.28
CA PRO E 107 26.45 -25.55 -33.52
C PRO E 107 27.05 -26.59 -32.57
N ARG E 108 26.43 -26.73 -31.41
CA ARG E 108 26.87 -27.68 -30.39
C ARG E 108 25.66 -28.44 -29.87
N GLU E 109 25.82 -29.74 -29.70
CA GLU E 109 24.68 -30.61 -29.42
C GLU E 109 24.26 -30.47 -27.95
N PRO E 110 22.97 -30.30 -27.68
CA PRO E 110 22.53 -30.28 -26.27
C PRO E 110 22.65 -31.65 -25.64
N GLN E 111 23.00 -31.65 -24.35
CA GLN E 111 22.93 -32.85 -23.52
C GLN E 111 21.69 -32.77 -22.66
N VAL E 112 20.85 -33.80 -22.73
CA VAL E 112 19.54 -33.79 -22.08
C VAL E 112 19.52 -34.84 -20.99
N TYR E 113 19.24 -34.41 -19.76
CA TYR E 113 19.15 -35.29 -18.60
C TYR E 113 17.86 -35.03 -17.85
N THR E 114 17.22 -36.10 -17.40
CA THR E 114 16.03 -36.00 -16.57
C THR E 114 16.38 -36.28 -15.12
N LEU E 115 15.81 -35.48 -14.21
CA LEU E 115 16.07 -35.60 -12.79
C LEU E 115 14.77 -35.83 -12.04
N PRO E 116 14.67 -36.86 -11.21
CA PRO E 116 13.42 -37.10 -10.47
C PRO E 116 13.24 -36.08 -9.37
N PRO E 117 12.06 -36.03 -8.74
CA PRO E 117 11.85 -35.08 -7.64
C PRO E 117 12.77 -35.39 -6.47
N SER E 118 13.16 -34.34 -5.76
CA SER E 118 13.90 -34.53 -4.52
C SER E 118 13.04 -35.34 -3.55
N ARG E 119 13.70 -36.25 -2.81
CA ARG E 119 12.95 -37.05 -1.86
C ARG E 119 12.24 -36.16 -0.83
N GLU E 120 12.83 -35.01 -0.51
CA GLU E 120 12.25 -34.09 0.45
C GLU E 120 10.98 -33.43 -0.08
N GLU E 121 10.79 -33.40 -1.39
CA GLU E 121 9.56 -32.85 -1.98
C GLU E 121 8.41 -33.84 -1.97
N MET E 122 8.67 -35.12 -1.69
CA MET E 122 7.64 -36.15 -1.72
C MET E 122 6.60 -36.00 -0.61
N THR E 123 6.74 -35.01 0.26
CA THR E 123 5.72 -34.72 1.27
C THR E 123 4.68 -33.74 0.77
N LYS E 124 4.89 -33.12 -0.39
CA LYS E 124 3.95 -32.20 -1.01
C LYS E 124 2.96 -32.97 -1.89
N ASN E 125 1.79 -32.36 -2.11
CA ASN E 125 0.80 -32.98 -2.97
C ASN E 125 1.24 -33.00 -4.44
N GLN E 126 2.05 -32.03 -4.85
CA GLN E 126 2.63 -32.00 -6.19
C GLN E 126 4.15 -32.05 -6.10
N VAL E 127 4.77 -32.67 -7.12
CA VAL E 127 6.21 -32.86 -7.16
C VAL E 127 6.74 -32.32 -8.47
N SER E 128 8.04 -32.06 -8.50
CA SER E 128 8.69 -31.39 -9.62
C SER E 128 9.56 -32.40 -10.38
N LEU E 129 9.28 -32.56 -11.67
CA LEU E 129 10.12 -33.33 -12.57
C LEU E 129 10.98 -32.37 -13.38
N THR E 130 12.28 -32.62 -13.41
CA THR E 130 13.25 -31.68 -13.94
C THR E 130 13.94 -32.24 -15.18
N CYS E 131 14.12 -31.38 -16.17
CA CYS E 131 14.87 -31.71 -17.39
C CYS E 131 16.04 -30.75 -17.51
N LEU E 132 17.25 -31.29 -17.49
CA LEU E 132 18.47 -30.51 -17.64
C LEU E 132 18.95 -30.59 -19.08
N VAL E 133 19.05 -29.43 -19.76
CA VAL E 133 19.58 -29.33 -21.11
C VAL E 133 20.78 -28.39 -21.06
N LYS E 134 21.95 -28.88 -21.47
CA LYS E 134 23.19 -28.14 -21.32
C LYS E 134 24.09 -28.34 -22.53
N GLY E 135 25.01 -27.40 -22.72
CA GLY E 135 26.05 -27.54 -23.70
C GLY E 135 25.65 -27.31 -25.14
N PHE E 136 24.59 -26.54 -25.38
CA PHE E 136 24.08 -26.34 -26.73
C PHE E 136 24.34 -24.92 -27.21
N TYR E 137 24.42 -24.79 -28.54
CA TYR E 137 24.61 -23.52 -29.23
C TYR E 137 24.06 -23.68 -30.63
N PRO E 138 23.34 -22.69 -31.17
CA PRO E 138 22.92 -21.43 -30.53
C PRO E 138 21.87 -21.64 -29.45
N SER E 139 21.45 -20.55 -28.80
CA SER E 139 20.49 -20.64 -27.71
C SER E 139 19.07 -20.96 -28.19
N ASP E 140 18.80 -20.83 -29.49
CA ASP E 140 17.49 -21.20 -30.01
C ASP E 140 17.19 -22.66 -29.71
N ILE E 141 16.12 -22.90 -28.96
CA ILE E 141 15.79 -24.25 -28.51
C ILE E 141 14.32 -24.27 -28.09
N ALA E 142 13.73 -25.46 -28.12
CA ALA E 142 12.36 -25.67 -27.66
C ALA E 142 12.32 -26.91 -26.78
N VAL E 143 11.53 -26.84 -25.71
CA VAL E 143 11.43 -27.93 -24.75
C VAL E 143 9.96 -28.17 -24.41
N GLU E 144 9.53 -29.42 -24.48
CA GLU E 144 8.16 -29.79 -24.16
C GLU E 144 8.18 -31.04 -23.29
N TRP E 145 7.04 -31.34 -22.69
CA TRP E 145 6.86 -32.53 -21.87
C TRP E 145 5.71 -33.36 -22.41
N GLU E 146 5.82 -34.67 -22.23
CA GLU E 146 4.83 -35.61 -22.72
C GLU E 146 4.71 -36.76 -21.72
N SER E 147 3.56 -37.45 -21.81
CA SER E 147 3.34 -38.66 -21.04
C SER E 147 2.33 -39.50 -21.81
N ASN E 148 2.74 -40.71 -22.19
CA ASN E 148 1.90 -41.60 -22.98
C ASN E 148 1.47 -40.94 -24.29
N GLY E 149 2.40 -40.21 -24.91
CA GLY E 149 2.13 -39.59 -26.20
C GLY E 149 1.27 -38.35 -26.15
N GLN E 150 0.94 -37.85 -24.96
CA GLN E 150 0.10 -36.66 -24.83
C GLN E 150 0.83 -35.53 -24.12
N PRO E 151 0.52 -34.28 -24.45
CA PRO E 151 1.23 -33.15 -23.84
C PRO E 151 0.84 -32.96 -22.37
N GLU E 152 1.82 -32.52 -21.59
CA GLU E 152 1.62 -32.11 -20.20
C GLU E 152 1.42 -30.60 -20.12
N ASN E 153 0.57 -30.17 -19.19
CA ASN E 153 0.04 -28.82 -19.17
C ASN E 153 0.47 -27.99 -17.96
N ASN E 154 1.44 -28.45 -17.16
CA ASN E 154 1.93 -27.66 -16.05
C ASN E 154 3.46 -27.73 -15.99
N TYR E 155 4.13 -27.24 -17.02
CA TYR E 155 5.59 -27.18 -16.99
C TYR E 155 6.02 -25.76 -17.32
N LYS E 156 7.17 -25.38 -16.77
CA LYS E 156 7.77 -24.09 -17.04
C LYS E 156 9.24 -24.32 -17.38
N THR E 157 9.76 -23.54 -18.32
CA THR E 157 11.14 -23.68 -18.78
C THR E 157 11.86 -22.36 -18.60
N THR E 158 13.08 -22.43 -18.08
CA THR E 158 13.88 -21.23 -17.90
C THR E 158 14.39 -20.75 -19.25
N PRO E 159 14.80 -19.49 -19.34
CA PRO E 159 15.49 -19.02 -20.55
C PRO E 159 16.85 -19.70 -20.67
N PRO E 160 17.44 -19.73 -21.86
CA PRO E 160 18.81 -20.23 -21.98
C PRO E 160 19.76 -19.35 -21.19
N VAL E 161 20.71 -19.99 -20.51
CA VAL E 161 21.68 -19.29 -19.68
C VAL E 161 23.06 -19.59 -20.23
N LEU E 162 23.88 -18.55 -20.36
CA LEU E 162 25.23 -18.71 -20.88
C LEU E 162 26.09 -19.43 -19.85
N ASP E 163 26.73 -20.51 -20.26
CA ASP E 163 27.58 -21.28 -19.36
C ASP E 163 29.03 -20.82 -19.51
N SER E 164 29.91 -21.39 -18.69
CA SER E 164 31.30 -20.94 -18.67
C SER E 164 32.02 -21.21 -19.98
N ASP E 165 31.69 -22.32 -20.65
CA ASP E 165 32.38 -22.73 -21.86
C ASP E 165 31.83 -22.08 -23.13
N GLY E 166 30.99 -21.06 -23.01
CA GLY E 166 30.40 -20.42 -24.16
C GLY E 166 29.13 -21.06 -24.67
N SER E 167 28.75 -22.22 -24.16
CA SER E 167 27.50 -22.87 -24.54
C SER E 167 26.38 -22.39 -23.62
N PHE E 168 25.17 -22.90 -23.86
CA PHE E 168 23.98 -22.53 -23.10
C PHE E 168 23.41 -23.75 -22.39
N PHE E 169 22.67 -23.48 -21.31
CA PHE E 169 21.92 -24.50 -20.61
C PHE E 169 20.60 -23.92 -20.13
N LEU E 170 19.66 -24.80 -19.80
CA LEU E 170 18.40 -24.38 -19.22
C LEU E 170 17.83 -25.55 -18.42
N TYR E 171 16.74 -25.26 -17.70
CA TYR E 171 15.97 -26.27 -17.00
C TYR E 171 14.51 -26.15 -17.37
N SER E 172 13.83 -27.30 -17.42
CA SER E 172 12.39 -27.35 -17.56
C SER E 172 11.82 -28.08 -16.36
N LYS E 173 10.82 -27.48 -15.72
CA LYS E 173 10.22 -28.02 -14.50
C LYS E 173 8.80 -28.43 -14.81
N LEU E 174 8.52 -29.73 -14.73
CA LEU E 174 7.18 -30.28 -14.91
C LEU E 174 6.57 -30.60 -13.55
N THR E 175 5.41 -30.01 -13.28
CA THR E 175 4.69 -30.24 -12.04
C THR E 175 3.59 -31.27 -12.29
N VAL E 176 3.59 -32.34 -11.49
CA VAL E 176 2.58 -33.38 -11.57
C VAL E 176 2.11 -33.71 -10.16
N ASP E 177 0.90 -34.28 -10.08
CA ASP E 177 0.43 -34.77 -8.80
C ASP E 177 1.32 -35.91 -8.32
N LYS E 178 1.66 -35.88 -7.02
CA LYS E 178 2.57 -36.88 -6.47
C LYS E 178 2.07 -38.30 -6.76
N SER E 179 0.75 -38.51 -6.75
CA SER E 179 0.23 -39.85 -6.99
C SER E 179 0.68 -40.35 -8.37
N ARG E 180 0.70 -39.47 -9.36
CA ARG E 180 1.10 -39.87 -10.71
C ARG E 180 2.53 -40.35 -10.74
N TRP E 181 3.42 -39.68 -10.01
CA TRP E 181 4.83 -40.08 -10.01
C TRP E 181 5.03 -41.40 -9.28
N GLN E 182 4.36 -41.58 -8.14
CA GLN E 182 4.56 -42.79 -7.34
C GLN E 182 3.99 -44.03 -8.02
N GLN E 183 3.04 -43.85 -8.94
CA GLN E 183 2.42 -44.97 -9.63
C GLN E 183 3.25 -45.49 -10.80
N GLY E 184 4.42 -44.89 -11.06
CA GLY E 184 5.30 -45.36 -12.10
C GLY E 184 5.02 -44.83 -13.49
N ASN E 185 4.20 -43.79 -13.62
CA ASN E 185 3.93 -43.23 -14.93
C ASN E 185 5.21 -42.70 -15.56
N VAL E 186 5.37 -42.94 -16.85
CA VAL E 186 6.58 -42.54 -17.56
C VAL E 186 6.34 -41.18 -18.20
N PHE E 187 7.27 -40.26 -17.98
CA PHE E 187 7.22 -38.92 -18.55
C PHE E 187 8.42 -38.73 -19.47
N SER E 188 8.27 -37.84 -20.44
CA SER E 188 9.27 -37.65 -21.48
C SER E 188 9.58 -36.17 -21.65
N CYS E 189 10.86 -35.83 -21.57
CA CYS E 189 11.33 -34.50 -21.90
C CYS E 189 11.69 -34.46 -23.38
N SER E 190 11.02 -33.61 -24.14
CA SER E 190 11.27 -33.46 -25.57
C SER E 190 12.04 -32.17 -25.81
N VAL E 191 13.17 -32.27 -26.50
CA VAL E 191 14.04 -31.14 -26.78
C VAL E 191 14.23 -31.06 -28.28
N MET E 192 14.11 -29.85 -28.82
CA MET E 192 14.26 -29.61 -30.26
C MET E 192 15.37 -28.59 -30.49
N HIS E 193 16.38 -28.98 -31.26
CA HIS E 193 17.54 -28.13 -31.48
C HIS E 193 18.21 -28.56 -32.77
N GLU E 194 18.80 -27.57 -33.46
CA GLU E 194 19.36 -27.83 -34.79
C GLU E 194 20.53 -28.82 -34.74
N ALA E 195 21.30 -28.82 -33.65
CA ALA E 195 22.47 -29.68 -33.53
C ALA E 195 22.14 -31.09 -33.07
N LEU E 196 20.86 -31.43 -32.94
CA LEU E 196 20.42 -32.78 -32.62
C LEU E 196 20.06 -33.55 -33.88
N HIS E 197 20.28 -34.86 -33.85
CA HIS E 197 19.84 -35.71 -34.93
C HIS E 197 18.33 -35.66 -35.04
N ASN E 198 17.83 -35.51 -36.26
CA ASN E 198 16.41 -35.29 -36.54
C ASN E 198 15.89 -34.00 -35.93
N HIS E 199 16.78 -33.15 -35.40
CA HIS E 199 16.44 -31.89 -34.76
C HIS E 199 15.61 -32.07 -33.49
N TYR E 200 15.56 -33.28 -32.94
CA TYR E 200 14.83 -33.49 -31.70
C TYR E 200 15.31 -34.77 -31.04
N THR E 201 15.12 -34.83 -29.72
CA THR E 201 15.36 -36.04 -28.96
C THR E 201 14.36 -36.07 -27.81
N GLN E 202 14.26 -37.25 -27.19
CA GLN E 202 13.36 -37.43 -26.06
C GLN E 202 14.08 -38.26 -25.02
N LYS E 203 13.86 -37.94 -23.75
CA LYS E 203 14.44 -38.68 -22.65
C LYS E 203 13.34 -38.99 -21.65
N SER E 204 13.30 -40.24 -21.19
CA SER E 204 12.25 -40.69 -20.31
C SER E 204 12.59 -40.37 -18.86
N LEU E 205 11.56 -40.39 -18.01
CA LEU E 205 11.71 -40.12 -16.59
C LEU E 205 10.58 -40.84 -15.88
N SER E 206 10.95 -41.74 -14.97
CA SER E 206 9.97 -42.52 -14.22
C SER E 206 10.61 -42.94 -12.90
N LEU E 207 9.78 -43.50 -12.02
CA LEU E 207 10.26 -43.85 -10.68
C LEU E 207 11.22 -45.04 -10.74
N SER E 208 10.78 -46.16 -11.29
CA SER E 208 11.64 -47.34 -11.41
C SER E 208 11.04 -48.35 -12.38
N LYS F 4 0.19 -36.02 -33.64
CA LYS F 4 1.11 -37.15 -33.70
C LYS F 4 2.23 -36.86 -34.70
N LEU F 5 3.48 -37.06 -34.25
CA LEU F 5 4.64 -36.71 -35.06
C LEU F 5 4.92 -37.77 -36.11
N ASN F 6 5.15 -37.33 -37.35
CA ASN F 6 5.59 -38.21 -38.43
C ASN F 6 7.11 -38.33 -38.35
N LYS F 7 7.59 -39.37 -37.67
CA LYS F 7 9.02 -39.48 -37.43
C LYS F 7 9.81 -39.69 -38.71
N GLU F 8 9.31 -40.54 -39.61
CA GLU F 8 10.02 -40.81 -40.85
C GLU F 8 10.10 -39.57 -41.73
N GLN F 9 9.02 -38.79 -41.78
CA GLN F 9 9.05 -37.54 -42.53
C GLN F 9 10.05 -36.57 -41.92
N GLN F 10 10.03 -36.42 -40.60
CA GLN F 10 10.98 -35.56 -39.93
C GLN F 10 12.41 -36.03 -40.18
N ASN F 11 12.63 -37.35 -40.13
CA ASN F 11 13.97 -37.88 -40.37
C ASN F 11 14.40 -37.67 -41.81
N ALA F 12 13.51 -37.93 -42.77
CA ALA F 12 13.84 -37.69 -44.17
C ALA F 12 14.23 -36.22 -44.38
N PHE F 13 13.49 -35.31 -43.74
CA PHE F 13 13.84 -33.89 -43.83
C PHE F 13 15.26 -33.65 -43.31
N TYR F 14 15.57 -34.19 -42.13
CA TYR F 14 16.88 -33.95 -41.52
C TYR F 14 18.00 -34.55 -42.38
N GLU F 15 17.85 -35.81 -42.79
CA GLU F 15 18.90 -36.46 -43.57
C GLU F 15 19.13 -35.73 -44.89
N ILE F 16 18.06 -35.42 -45.61
CA ILE F 16 18.20 -34.70 -46.87
C ILE F 16 18.84 -33.34 -46.63
N LEU F 17 18.49 -32.68 -45.52
CA LEU F 17 19.01 -31.37 -45.22
C LEU F 17 20.53 -31.36 -45.09
N HIS F 18 21.14 -32.50 -44.78
CA HIS F 18 22.57 -32.57 -44.51
C HIS F 18 23.34 -33.37 -45.57
N LEU F 19 22.68 -33.81 -46.64
CA LEU F 19 23.40 -34.51 -47.70
C LEU F 19 24.40 -33.57 -48.33
N PRO F 20 25.72 -33.84 -48.24
CA PRO F 20 26.71 -32.82 -48.58
C PRO F 20 26.87 -32.54 -50.07
N ASN F 21 26.62 -33.54 -50.91
CA ASN F 21 26.95 -33.43 -52.33
C ASN F 21 25.81 -32.90 -53.18
N LEU F 22 24.62 -32.71 -52.60
CA LEU F 22 23.52 -32.12 -53.34
C LEU F 22 23.66 -30.60 -53.38
N ASN F 23 23.25 -30.01 -54.50
CA ASN F 23 23.18 -28.55 -54.56
C ASN F 23 21.89 -28.07 -53.90
N GLU F 24 21.87 -26.77 -53.56
CA GLU F 24 20.75 -26.23 -52.81
C GLU F 24 19.42 -26.45 -53.53
N GLU F 25 19.43 -26.33 -54.86
CA GLU F 25 18.19 -26.48 -55.62
C GLU F 25 17.65 -27.90 -55.53
N GLN F 26 18.53 -28.90 -55.59
CA GLN F 26 18.07 -30.28 -55.46
C GLN F 26 17.55 -30.56 -54.05
N ARG F 27 18.36 -30.27 -53.03
CA ARG F 27 17.89 -30.44 -51.65
C ARG F 27 16.61 -29.67 -51.41
N LYS F 28 16.47 -28.50 -52.04
CA LYS F 28 15.26 -27.70 -51.87
C LYS F 28 14.05 -28.40 -52.48
N ALA F 29 14.25 -29.06 -53.62
CA ALA F 29 13.16 -29.76 -54.29
C ALA F 29 12.71 -31.00 -53.53
N PHE F 30 13.67 -31.75 -52.96
CA PHE F 30 13.32 -32.94 -52.19
C PHE F 30 12.51 -32.58 -50.95
N ILE F 31 12.98 -31.59 -50.18
CA ILE F 31 12.28 -31.20 -48.97
C ILE F 31 10.85 -30.77 -49.30
N GLN F 32 10.67 -30.02 -50.38
CA GLN F 32 9.33 -29.56 -50.72
C GLN F 32 8.40 -30.74 -51.02
N SER F 33 8.93 -31.80 -51.64
CA SER F 33 8.15 -32.98 -51.94
C SER F 33 7.66 -33.72 -50.70
N LEU F 34 8.19 -33.38 -49.52
CA LEU F 34 7.74 -34.02 -48.29
C LEU F 34 6.43 -33.46 -47.75
N ILE F 35 5.98 -32.29 -48.25
CA ILE F 35 4.85 -31.61 -47.62
C ILE F 35 3.89 -31.01 -48.65
N ASP F 36 4.11 -31.25 -49.94
CA ASP F 36 3.29 -30.62 -50.97
C ASP F 36 2.71 -31.64 -51.94
N GLY F 37 2.56 -32.90 -51.51
CA GLY F 37 1.93 -33.92 -52.31
C GLY F 37 2.86 -34.68 -53.22
N GLY F 38 3.93 -34.02 -53.71
CA GLY F 38 4.83 -34.69 -54.63
C GLY F 38 5.31 -36.03 -54.12
N GLY F 39 5.61 -36.11 -52.81
CA GLY F 39 6.02 -37.36 -52.21
C GLY F 39 4.88 -38.31 -51.89
N ASP F 40 3.64 -37.81 -51.87
CA ASP F 40 2.47 -38.62 -51.56
C ASP F 40 2.09 -39.39 -52.82
N THR F 41 2.80 -40.48 -53.07
CA THR F 41 2.63 -41.20 -54.32
C THR F 41 1.28 -41.90 -54.41
N ASN F 42 0.76 -42.39 -53.29
CA ASN F 42 -0.57 -43.00 -53.24
C ASN F 42 -1.63 -42.00 -52.79
N GLY F 43 -1.59 -40.79 -53.35
CA GLY F 43 -2.55 -39.72 -53.10
C GLY F 43 -3.48 -39.83 -51.91
N ASN F 44 -3.02 -40.39 -50.79
CA ASN F 44 -3.84 -40.50 -49.59
C ASN F 44 -3.73 -39.29 -48.67
N GLY F 45 -2.95 -38.27 -49.05
CA GLY F 45 -2.86 -37.05 -48.29
C GLY F 45 -1.88 -37.08 -47.13
N TYR F 46 -1.28 -38.23 -46.84
CA TYR F 46 -0.36 -38.37 -45.72
C TYR F 46 0.89 -39.07 -46.22
N LEU F 47 2.05 -38.60 -45.78
CA LEU F 47 3.33 -39.16 -46.22
C LEU F 47 3.63 -40.39 -45.37
N ASP F 48 3.36 -41.57 -45.91
CA ASP F 48 3.56 -42.81 -45.20
C ASP F 48 5.04 -43.13 -45.05
N ALA F 49 5.33 -44.05 -44.13
CA ALA F 49 6.73 -44.45 -43.89
C ALA F 49 7.38 -44.96 -45.17
N GLU F 50 6.65 -45.74 -45.98
CA GLU F 50 7.20 -46.22 -47.24
C GLU F 50 7.66 -45.06 -48.11
N GLU F 51 6.83 -44.02 -48.22
CA GLU F 51 7.16 -42.91 -49.11
C GLU F 51 8.31 -42.08 -48.56
N SER F 52 8.39 -41.91 -47.24
CA SER F 52 9.52 -41.20 -46.65
C SER F 52 10.82 -41.93 -46.93
N ALA F 53 10.84 -43.24 -46.65
CA ALA F 53 12.06 -44.02 -46.86
C ALA F 53 12.44 -44.05 -48.33
N ASN F 54 11.45 -44.15 -49.22
CA ASN F 54 11.75 -44.23 -50.65
C ASN F 54 12.23 -42.88 -51.18
N LEU F 55 11.60 -41.79 -50.74
CA LEU F 55 12.07 -40.47 -51.14
C LEU F 55 13.45 -40.17 -50.57
N LEU F 56 13.70 -40.57 -49.32
CA LEU F 56 15.03 -40.40 -48.75
C LEU F 56 16.05 -41.28 -49.48
N ALA F 57 15.71 -42.55 -49.73
CA ALA F 57 16.62 -43.42 -50.45
C ALA F 57 16.91 -42.88 -51.85
N GLU F 58 15.90 -42.31 -52.50
CA GLU F 58 16.10 -41.72 -53.81
C GLU F 58 16.97 -40.47 -53.72
N ALA F 59 16.77 -39.65 -52.68
CA ALA F 59 17.61 -38.48 -52.49
C ALA F 59 19.04 -38.86 -52.15
N LYS F 60 19.22 -39.87 -51.29
CA LYS F 60 20.56 -40.36 -51.00
C LYS F 60 21.25 -40.90 -52.25
N LYS F 61 20.48 -41.47 -53.18
CA LYS F 61 21.07 -42.02 -54.38
C LYS F 61 21.75 -40.93 -55.21
N LEU F 62 21.09 -39.78 -55.38
CA LEU F 62 21.70 -38.69 -56.11
C LEU F 62 22.92 -38.15 -55.39
N ASN F 63 22.89 -38.14 -54.06
CA ASN F 63 24.03 -37.64 -53.30
C ASN F 63 25.26 -38.53 -53.50
N ASP F 64 25.07 -39.85 -53.51
CA ASP F 64 26.20 -40.74 -53.72
C ASP F 64 26.72 -40.65 -55.14
N ALA F 65 25.82 -40.50 -56.11
CA ALA F 65 26.23 -40.38 -57.51
C ALA F 65 27.01 -39.09 -57.77
N ARG F 66 26.90 -38.11 -56.88
CA ARG F 66 27.59 -36.84 -57.02
C ARG F 66 28.87 -36.76 -56.18
N ALA F 67 29.20 -37.81 -55.45
CA ALA F 67 30.40 -37.78 -54.62
C ALA F 67 31.64 -37.70 -55.50
N PRO F 68 32.56 -36.76 -55.25
CA PRO F 68 33.79 -36.67 -56.07
C PRO F 68 34.57 -37.97 -56.12
N GLY G 1 -28.79 -5.29 33.61
CA GLY G 1 -27.52 -4.60 33.61
C GLY G 1 -27.63 -3.14 33.21
N PRO G 2 -28.34 -2.35 34.03
CA PRO G 2 -28.47 -0.92 33.73
C PRO G 2 -27.11 -0.23 33.74
N SER G 3 -27.02 0.83 32.93
CA SER G 3 -25.84 1.68 32.87
C SER G 3 -26.23 3.11 33.23
N VAL G 4 -25.26 3.86 33.74
CA VAL G 4 -25.48 5.21 34.24
C VAL G 4 -24.56 6.18 33.50
N PHE G 5 -25.10 7.36 33.18
CA PHE G 5 -24.33 8.44 32.57
C PHE G 5 -24.64 9.73 33.29
N LEU G 6 -23.60 10.41 33.77
CA LEU G 6 -23.73 11.63 34.55
C LEU G 6 -23.27 12.81 33.73
N PHE G 7 -24.15 13.81 33.57
CA PHE G 7 -23.86 14.92 32.68
C PHE G 7 -23.67 16.22 33.46
N PRO G 8 -22.72 17.06 33.07
CA PRO G 8 -22.47 18.30 33.80
C PRO G 8 -23.50 19.36 33.45
N PRO G 9 -23.48 20.51 34.12
CA PRO G 9 -24.37 21.59 33.72
C PRO G 9 -23.92 22.25 32.42
N LYS G 10 -24.83 22.97 31.80
CA LYS G 10 -24.47 23.71 30.60
C LYS G 10 -23.57 24.89 30.96
N PRO G 11 -22.49 25.13 30.20
CA PRO G 11 -21.60 26.26 30.55
C PRO G 11 -22.32 27.58 30.75
N LYS G 12 -23.30 27.89 29.89
CA LYS G 12 -24.02 29.14 30.01
C LYS G 12 -24.75 29.25 31.35
N ASP G 13 -25.25 28.13 31.88
CA ASP G 13 -26.00 28.17 33.13
C ASP G 13 -25.10 28.45 34.32
N THR G 14 -23.87 27.92 34.31
CA THR G 14 -22.96 28.10 35.43
C THR G 14 -22.28 29.46 35.43
N LEU G 15 -22.22 30.13 34.28
CA LEU G 15 -21.50 31.39 34.16
C LEU G 15 -22.41 32.61 34.28
N MET G 16 -23.68 32.49 33.92
CA MET G 16 -24.64 33.58 34.01
C MET G 16 -25.47 33.37 35.27
N ILE G 17 -25.44 34.37 36.17
CA ILE G 17 -26.06 34.18 37.48
C ILE G 17 -27.57 34.08 37.39
N SER G 18 -28.19 34.66 36.35
CA SER G 18 -29.64 34.63 36.24
C SER G 18 -30.17 33.28 35.77
N ARG G 19 -29.30 32.30 35.52
CA ARG G 19 -29.71 31.00 35.04
C ARG G 19 -29.44 29.95 36.12
N THR G 20 -30.04 28.78 35.96
CA THR G 20 -29.97 27.71 36.96
C THR G 20 -29.22 26.51 36.39
N PRO G 21 -27.98 26.29 36.79
CA PRO G 21 -27.26 25.09 36.32
C PRO G 21 -27.71 23.83 37.04
N GLU G 22 -27.69 22.72 36.32
CA GLU G 22 -28.14 21.44 36.84
C GLU G 22 -27.22 20.33 36.35
N VAL G 23 -27.00 19.34 37.21
CA VAL G 23 -26.37 18.09 36.82
C VAL G 23 -27.45 17.02 36.66
N THR G 24 -27.30 16.19 35.63
CA THR G 24 -28.33 15.24 35.23
C THR G 24 -27.76 13.83 35.22
N CYS G 25 -28.40 12.92 35.97
CA CYS G 25 -28.02 11.52 36.03
C CYS G 25 -29.04 10.69 35.27
N VAL G 26 -28.59 10.03 34.21
CA VAL G 26 -29.46 9.27 33.32
C VAL G 26 -29.13 7.79 33.42
N VAL G 27 -30.15 6.97 33.63
CA VAL G 27 -30.06 5.51 33.63
C VAL G 27 -30.88 5.03 32.45
N VAL G 28 -30.27 4.25 31.55
CA VAL G 28 -30.86 3.92 30.26
C VAL G 28 -31.28 2.46 30.17
N ASP G 29 -30.40 1.52 30.53
CA ASP G 29 -30.71 0.10 30.37
C ASP G 29 -31.49 -0.49 31.55
N VAL G 30 -32.52 0.22 32.01
CA VAL G 30 -33.38 -0.30 33.09
C VAL G 30 -34.42 -1.23 32.48
N SER G 31 -34.50 -2.44 33.03
CA SER G 31 -35.39 -3.47 32.52
C SER G 31 -36.81 -3.26 33.05
N HIS G 32 -37.77 -3.94 32.42
CA HIS G 32 -39.14 -3.90 32.93
C HIS G 32 -39.23 -4.65 34.25
N GLU G 33 -38.49 -5.75 34.37
CA GLU G 33 -38.48 -6.50 35.62
C GLU G 33 -37.47 -5.83 36.53
N ASP G 34 -37.82 -5.64 37.79
CA ASP G 34 -36.97 -4.91 38.72
C ASP G 34 -36.71 -3.51 38.18
N PRO G 35 -37.73 -2.65 38.10
CA PRO G 35 -37.56 -1.28 37.62
C PRO G 35 -37.17 -0.28 38.70
N GLU G 36 -36.96 -0.73 39.94
CA GLU G 36 -36.63 0.17 41.03
C GLU G 36 -35.33 0.90 40.76
N VAL G 37 -35.37 2.22 40.92
CA VAL G 37 -34.20 3.08 40.78
C VAL G 37 -34.05 3.86 42.06
N LYS G 38 -32.86 3.81 42.64
CA LYS G 38 -32.52 4.56 43.82
C LYS G 38 -31.45 5.58 43.47
N PHE G 39 -31.69 6.84 43.83
CA PHE G 39 -30.73 7.90 43.59
C PHE G 39 -30.21 8.41 44.93
N ASN G 40 -28.89 8.52 45.04
CA ASN G 40 -28.23 9.18 46.16
C ASN G 40 -27.25 10.18 45.58
N TRP G 41 -27.46 11.46 45.87
CA TRP G 41 -26.62 12.52 45.37
C TRP G 41 -25.65 12.96 46.45
N TYR G 42 -24.43 13.31 46.04
CA TYR G 42 -23.41 13.80 46.95
C TYR G 42 -22.73 14.99 46.30
N VAL G 43 -22.57 16.07 47.07
CA VAL G 43 -21.88 17.27 46.62
C VAL G 43 -20.62 17.41 47.47
N ASP G 44 -19.46 17.13 46.87
CA ASP G 44 -18.21 17.16 47.60
C ASP G 44 -18.24 16.19 48.78
N GLY G 45 -18.91 15.05 48.59
CA GLY G 45 -18.93 13.99 49.57
C GLY G 45 -20.10 13.99 50.53
N VAL G 46 -20.89 15.07 50.59
CA VAL G 46 -22.02 15.16 51.50
C VAL G 46 -23.30 14.86 50.74
N GLU G 47 -24.14 13.99 51.28
CA GLU G 47 -25.36 13.63 50.60
C GLU G 47 -26.35 14.80 50.66
N VAL G 48 -27.04 15.04 49.54
CA VAL G 48 -28.05 16.08 49.45
C VAL G 48 -29.37 15.43 49.05
N HIS G 49 -30.46 16.17 49.29
CA HIS G 49 -31.81 15.64 49.11
C HIS G 49 -32.71 16.57 48.31
N ASN G 50 -32.13 17.54 47.60
CA ASN G 50 -32.90 18.49 46.80
C ASN G 50 -33.02 18.09 45.34
N ALA G 51 -32.64 16.85 44.99
CA ALA G 51 -32.74 16.39 43.62
C ALA G 51 -34.16 15.98 43.28
N LYS G 52 -34.50 16.08 42.00
CA LYS G 52 -35.82 15.73 41.49
C LYS G 52 -35.69 14.67 40.41
N THR G 53 -36.49 13.61 40.53
CA THR G 53 -36.53 12.54 39.54
C THR G 53 -37.68 12.80 38.58
N LYS G 54 -37.36 12.92 37.28
CA LYS G 54 -38.38 13.12 36.25
C LYS G 54 -39.06 11.79 35.91
N PRO G 55 -40.31 11.83 35.47
CA PRO G 55 -40.99 10.57 35.15
C PRO G 55 -40.27 9.83 34.04
N ARG G 56 -40.05 8.53 34.25
CA ARG G 56 -39.37 7.71 33.26
C ARG G 56 -40.19 7.61 31.98
N GLU G 57 -39.48 7.56 30.85
CA GLU G 57 -40.10 7.40 29.54
C GLU G 57 -39.36 6.29 28.81
N GLU G 58 -40.09 5.24 28.46
CA GLU G 58 -39.49 4.10 27.78
C GLU G 58 -39.17 4.42 26.32
N GLN G 59 -38.03 3.91 25.86
CA GLN G 59 -37.54 4.12 24.52
C GLN G 59 -38.01 2.99 23.61
N TYR G 60 -37.66 3.07 22.32
CA TYR G 60 -38.10 2.07 21.37
C TYR G 60 -37.67 0.66 21.78
N ASN G 61 -36.65 0.54 22.60
CA ASN G 61 -36.24 -0.76 23.13
C ASN G 61 -37.00 -1.03 24.42
N SER G 62 -37.01 -2.31 24.81
CA SER G 62 -37.71 -2.73 26.03
C SER G 62 -36.94 -2.39 27.30
N THR G 63 -36.42 -1.16 27.40
CA THR G 63 -35.81 -0.69 28.64
C THR G 63 -36.29 0.71 28.96
N TYR G 64 -36.30 1.03 30.25
CA TYR G 64 -36.73 2.33 30.75
C TYR G 64 -35.57 3.31 30.80
N ARG G 65 -35.88 4.59 30.69
CA ARG G 65 -34.90 5.66 30.83
C ARG G 65 -35.36 6.59 31.95
N VAL G 66 -34.57 6.69 33.01
CA VAL G 66 -34.90 7.48 34.19
C VAL G 66 -33.86 8.59 34.34
N VAL G 67 -34.34 9.81 34.58
CA VAL G 67 -33.48 10.98 34.67
C VAL G 67 -33.67 11.62 36.04
N SER G 68 -32.57 11.96 36.69
CA SER G 68 -32.57 12.71 37.93
C SER G 68 -31.75 13.98 37.75
N VAL G 69 -32.31 15.11 38.18
CA VAL G 69 -31.69 16.42 38.00
C VAL G 69 -31.46 17.05 39.38
N LEU G 70 -30.24 17.51 39.61
CA LEU G 70 -29.86 18.17 40.87
C LEU G 70 -29.41 19.58 40.56
N THR G 71 -30.09 20.56 41.16
CA THR G 71 -29.65 21.95 41.05
C THR G 71 -28.29 22.11 41.72
N VAL G 72 -27.42 22.89 41.09
CA VAL G 72 -26.09 23.16 41.62
C VAL G 72 -25.91 24.67 41.75
N LEU G 73 -25.04 25.05 42.68
CA LEU G 73 -24.67 26.45 42.84
C LEU G 73 -23.55 26.82 41.86
N HIS G 74 -23.68 28.00 41.26
CA HIS G 74 -22.69 28.45 40.27
C HIS G 74 -21.28 28.34 40.83
N GLN G 75 -21.07 28.88 42.04
CA GLN G 75 -19.72 28.91 42.61
C GLN G 75 -19.21 27.53 42.99
N ASP G 76 -20.11 26.63 43.42
CA ASP G 76 -19.68 25.29 43.80
C ASP G 76 -19.08 24.55 42.60
N TRP G 77 -19.75 24.62 41.45
CA TRP G 77 -19.22 23.99 40.25
C TRP G 77 -17.93 24.67 39.80
N LEU G 78 -17.94 26.01 39.76
CA LEU G 78 -16.77 26.74 39.28
C LEU G 78 -15.57 26.54 40.21
N ASN G 79 -15.81 26.22 41.48
CA ASN G 79 -14.72 25.97 42.42
C ASN G 79 -14.29 24.51 42.44
N GLY G 80 -14.88 23.67 41.60
CA GLY G 80 -14.37 22.32 41.40
C GLY G 80 -14.93 21.27 42.32
N LYS G 81 -16.08 21.51 42.95
CA LYS G 81 -16.67 20.49 43.80
C LYS G 81 -17.16 19.32 42.95
N GLU G 82 -17.07 18.12 43.52
CA GLU G 82 -17.44 16.91 42.82
C GLU G 82 -18.89 16.54 43.13
N TYR G 83 -19.63 16.19 42.09
CA TYR G 83 -21.03 15.80 42.21
C TYR G 83 -21.15 14.33 41.83
N LYS G 84 -21.57 13.51 42.78
CA LYS G 84 -21.64 12.07 42.61
C LYS G 84 -23.10 11.63 42.52
N CYS G 85 -23.40 10.81 41.52
CA CYS G 85 -24.68 10.15 41.40
C CYS G 85 -24.47 8.67 41.68
N LYS G 86 -25.21 8.14 42.64
CA LYS G 86 -25.12 6.74 43.04
C LYS G 86 -26.45 6.06 42.75
N VAL G 87 -26.43 5.02 41.93
CA VAL G 87 -27.63 4.34 41.47
C VAL G 87 -27.59 2.91 41.99
N SER G 88 -28.63 2.53 42.73
CA SER G 88 -28.78 1.18 43.25
C SER G 88 -29.99 0.54 42.59
N ASN G 89 -29.88 -0.77 42.33
CA ASN G 89 -30.95 -1.48 41.64
C ASN G 89 -30.78 -2.97 41.87
N LYS G 90 -31.92 -3.65 42.02
CA LYS G 90 -31.93 -5.06 42.36
C LYS G 90 -31.27 -5.92 41.28
N ALA G 91 -31.18 -5.41 40.04
CA ALA G 91 -30.48 -6.10 38.96
C ALA G 91 -28.98 -5.92 38.99
N LEU G 92 -28.46 -5.04 39.85
CA LEU G 92 -27.02 -4.79 39.94
C LEU G 92 -26.41 -5.58 41.09
N PRO G 93 -25.25 -6.21 40.89
CA PRO G 93 -24.57 -6.84 42.04
C PRO G 93 -24.18 -5.84 43.11
N ALA G 94 -23.87 -4.61 42.72
CA ALA G 94 -23.56 -3.55 43.66
C ALA G 94 -23.97 -2.23 43.01
N PRO G 95 -24.23 -1.19 43.81
CA PRO G 95 -24.61 0.09 43.23
C PRO G 95 -23.53 0.65 42.33
N ILE G 96 -23.96 1.43 41.34
CA ILE G 96 -23.06 2.11 40.42
C ILE G 96 -22.89 3.55 40.88
N GLU G 97 -21.64 4.03 40.88
CA GLU G 97 -21.32 5.38 41.30
C GLU G 97 -20.62 6.10 40.16
N LYS G 98 -21.12 7.27 39.79
CA LYS G 98 -20.52 8.11 38.78
C LYS G 98 -20.26 9.49 39.38
N THR G 99 -19.10 10.04 39.06
CA THR G 99 -18.68 11.33 39.59
C THR G 99 -18.30 12.25 38.44
N ILE G 100 -18.66 13.53 38.59
CA ILE G 100 -18.28 14.56 37.63
C ILE G 100 -17.81 15.75 38.44
N SER G 101 -16.97 16.57 37.81
CA SER G 101 -16.49 17.79 38.44
C SER G 101 -15.87 18.66 37.36
N LYS G 102 -15.63 19.91 37.71
CA LYS G 102 -14.94 20.81 36.80
C LYS G 102 -13.52 20.31 36.58
N ALA G 103 -13.02 20.48 35.36
CA ALA G 103 -11.67 20.05 35.04
C ALA G 103 -10.66 20.82 35.88
N LYS G 104 -9.64 20.11 36.36
CA LYS G 104 -8.58 20.77 37.10
C LYS G 104 -7.58 21.35 36.13
N GLY G 105 -6.83 22.34 36.61
CA GLY G 105 -5.87 23.02 35.75
C GLY G 105 -6.08 24.51 35.72
N GLN G 106 -5.04 25.26 35.41
CA GLN G 106 -5.14 26.71 35.42
C GLN G 106 -6.09 27.19 34.32
N PRO G 107 -7.12 27.96 34.65
CA PRO G 107 -7.98 28.49 33.58
C PRO G 107 -7.20 29.40 32.64
N ARG G 108 -7.58 29.38 31.36
CA ARG G 108 -6.93 30.17 30.33
C ARG G 108 -7.98 30.92 29.52
N GLU G 109 -7.68 32.18 29.22
CA GLU G 109 -8.68 33.05 28.60
C GLU G 109 -8.86 32.68 27.14
N PRO G 110 -10.09 32.55 26.65
CA PRO G 110 -10.30 32.24 25.22
C PRO G 110 -9.89 33.40 24.33
N GLN G 111 -9.34 33.06 23.17
CA GLN G 111 -9.12 34.01 22.09
C GLN G 111 -10.21 33.80 21.05
N VAL G 112 -10.91 34.87 20.71
CA VAL G 112 -12.08 34.80 19.83
C VAL G 112 -11.77 35.57 18.55
N TYR G 113 -11.88 34.89 17.42
CA TYR G 113 -11.65 35.51 16.11
C TYR G 113 -12.83 35.16 15.20
N THR G 114 -13.29 36.16 14.45
CA THR G 114 -14.34 35.96 13.45
C THR G 114 -13.70 35.91 12.07
N LEU G 115 -14.16 34.98 11.25
CA LEU G 115 -13.63 34.79 9.92
C LEU G 115 -14.76 34.94 8.89
N PRO G 116 -14.60 35.79 7.89
CA PRO G 116 -15.67 35.96 6.89
C PRO G 116 -15.76 34.74 5.99
N PRO G 117 -16.80 34.64 5.18
CA PRO G 117 -16.91 33.51 4.25
C PRO G 117 -15.79 33.54 3.22
N SER G 118 -15.36 32.34 2.81
CA SER G 118 -14.41 32.20 1.73
C SER G 118 -14.95 32.78 0.44
N ARG G 119 -14.06 33.38 -0.36
CA ARG G 119 -14.45 33.92 -1.66
C ARG G 119 -15.14 32.88 -2.52
N GLU G 120 -14.71 31.61 -2.44
CA GLU G 120 -15.31 30.55 -3.24
C GLU G 120 -16.72 30.20 -2.78
N GLU G 121 -17.08 30.49 -1.53
CA GLU G 121 -18.43 30.22 -1.06
C GLU G 121 -19.42 31.31 -1.44
N MET G 122 -18.95 32.47 -1.90
CA MET G 122 -19.84 33.58 -2.26
C MET G 122 -20.66 33.30 -3.51
N THR G 123 -20.48 32.15 -4.16
CA THR G 123 -21.32 31.78 -5.28
C THR G 123 -22.56 31.00 -4.85
N LYS G 124 -22.62 30.58 -3.60
CA LYS G 124 -23.76 29.85 -3.08
C LYS G 124 -24.79 30.84 -2.53
N ASN G 125 -26.05 30.41 -2.50
CA ASN G 125 -27.10 31.27 -1.97
C ASN G 125 -26.96 31.47 -0.46
N GLN G 126 -26.38 30.49 0.23
CA GLN G 126 -26.10 30.61 1.66
C GLN G 126 -24.60 30.55 1.90
N VAL G 127 -24.14 31.29 2.90
CA VAL G 127 -22.72 31.41 3.21
C VAL G 127 -22.51 31.09 4.68
N SER G 128 -21.26 30.79 5.02
CA SER G 128 -20.88 30.34 6.36
C SER G 128 -20.10 31.44 7.06
N LEU G 129 -20.59 31.87 8.21
CA LEU G 129 -19.86 32.79 9.08
C LEU G 129 -19.20 31.98 10.19
N THR G 130 -17.91 32.17 10.37
CA THR G 130 -17.10 31.32 11.24
C THR G 130 -16.58 32.10 12.43
N CYS G 131 -16.62 31.47 13.59
CA CYS G 131 -16.06 32.01 14.82
C CYS G 131 -15.01 31.04 15.34
N LEU G 132 -13.77 31.49 15.41
CA LEU G 132 -12.67 30.69 15.93
C LEU G 132 -12.46 31.06 17.40
N VAL G 133 -12.62 30.08 18.28
CA VAL G 133 -12.37 30.24 19.70
C VAL G 133 -11.29 29.26 20.10
N LYS G 134 -10.16 29.75 20.60
CA LYS G 134 -8.98 28.93 20.84
C LYS G 134 -8.26 29.39 22.10
N GLY G 135 -7.46 28.48 22.65
CA GLY G 135 -6.59 28.80 23.75
C GLY G 135 -7.26 28.92 25.09
N PHE G 136 -8.40 28.26 25.30
CA PHE G 136 -9.15 28.37 26.54
C PHE G 136 -9.08 27.06 27.33
N TYR G 137 -9.22 27.20 28.64
CA TYR G 137 -9.22 26.06 29.54
C TYR G 137 -9.97 26.49 30.80
N PRO G 138 -10.83 25.64 31.37
CA PRO G 138 -11.25 24.31 30.91
C PRO G 138 -12.11 24.38 29.66
N SER G 139 -12.53 23.21 29.16
CA SER G 139 -13.29 23.15 27.92
C SER G 139 -14.71 23.69 28.05
N ASP G 140 -15.20 23.90 29.27
CA ASP G 140 -16.52 24.48 29.47
C ASP G 140 -16.61 25.84 28.80
N ILE G 141 -17.52 25.97 27.83
CA ILE G 141 -17.64 27.20 27.06
C ILE G 141 -19.00 27.19 26.38
N ALA G 142 -19.51 28.39 26.09
CA ALA G 142 -20.77 28.55 25.37
C ALA G 142 -20.59 29.59 24.27
N VAL G 143 -21.21 29.35 23.13
CA VAL G 143 -21.07 30.24 21.97
C VAL G 143 -22.45 30.45 21.35
N GLU G 144 -22.79 31.72 21.12
CA GLU G 144 -24.06 32.09 20.50
C GLU G 144 -23.80 33.13 19.43
N TRP G 145 -24.81 33.38 18.60
CA TRP G 145 -24.73 34.36 17.54
C TRP G 145 -25.86 35.38 17.66
N GLU G 146 -25.60 36.60 17.20
CA GLU G 146 -26.55 37.69 17.31
C GLU G 146 -26.45 38.56 16.06
N SER G 147 -27.54 39.28 15.79
CA SER G 147 -27.55 40.26 14.70
C SER G 147 -28.60 41.31 14.98
N ASN G 148 -28.16 42.57 15.07
CA ASN G 148 -29.08 43.70 15.34
C ASN G 148 -29.84 43.49 16.64
N GLY G 149 -29.16 42.99 17.66
CA GLY G 149 -29.76 42.83 18.96
C GLY G 149 -30.69 41.64 19.08
N GLN G 150 -30.77 40.80 18.04
CA GLN G 150 -31.63 39.62 18.07
C GLN G 150 -30.77 38.37 17.93
N PRO G 151 -31.16 37.27 18.57
CA PRO G 151 -30.32 36.06 18.51
C PRO G 151 -30.40 35.40 17.15
N GLU G 152 -29.26 34.90 16.67
CA GLU G 152 -29.22 34.01 15.52
C GLU G 152 -29.03 32.58 16.01
N ASN G 153 -29.87 31.68 15.52
CA ASN G 153 -29.91 30.30 16.01
C ASN G 153 -29.73 29.26 14.90
N ASN G 154 -29.24 29.68 13.73
CA ASN G 154 -29.01 28.73 12.65
C ASN G 154 -27.51 28.53 12.51
N TYR G 155 -26.90 28.11 13.63
CA TYR G 155 -25.49 27.83 13.71
C TYR G 155 -25.27 26.47 14.36
N LYS G 156 -24.12 25.89 14.06
CA LYS G 156 -23.64 24.69 14.73
C LYS G 156 -22.23 24.96 15.21
N THR G 157 -21.91 24.42 16.38
CA THR G 157 -20.61 24.61 17.00
C THR G 157 -19.98 23.24 17.24
N THR G 158 -18.70 23.13 16.90
CA THR G 158 -18.00 21.88 17.13
C THR G 158 -17.75 21.70 18.62
N PRO G 159 -17.50 20.47 19.06
CA PRO G 159 -17.07 20.27 20.45
C PRO G 159 -15.69 20.85 20.66
N PRO G 160 -15.31 21.14 21.90
CA PRO G 160 -13.93 21.59 22.16
C PRO G 160 -12.93 20.49 21.79
N VAL G 161 -11.83 20.91 21.20
CA VAL G 161 -10.78 20.00 20.74
C VAL G 161 -9.49 20.36 21.47
N LEU G 162 -8.80 19.35 21.99
CA LEU G 162 -7.55 19.57 22.70
C LEU G 162 -6.47 19.99 21.72
N ASP G 163 -5.81 21.11 21.99
CA ASP G 163 -4.76 21.61 21.14
C ASP G 163 -3.41 21.10 21.65
N SER G 164 -2.35 21.42 20.91
CA SER G 164 -1.02 20.91 21.27
C SER G 164 -0.54 21.47 22.60
N ASP G 165 -0.89 22.71 22.93
CA ASP G 165 -0.40 23.37 24.14
C ASP G 165 -1.23 23.03 25.38
N GLY G 166 -2.12 22.04 25.30
CA GLY G 166 -2.95 21.65 26.43
C GLY G 166 -4.24 22.43 26.58
N SER G 167 -4.44 23.50 25.80
CA SER G 167 -5.68 24.24 25.83
C SER G 167 -6.66 23.66 24.81
N PHE G 168 -7.84 24.26 24.73
CA PHE G 168 -8.90 23.80 23.84
C PHE G 168 -9.22 24.88 22.80
N PHE G 169 -9.77 24.43 21.68
CA PHE G 169 -10.28 25.33 20.65
C PHE G 169 -11.54 24.73 20.06
N LEU G 170 -12.32 25.57 19.39
CA LEU G 170 -13.49 25.10 18.67
C LEU G 170 -13.81 26.10 17.57
N TYR G 171 -14.76 25.70 16.71
CA TYR G 171 -15.28 26.58 15.69
C TYR G 171 -16.79 26.61 15.78
N SER G 172 -17.37 27.77 15.48
CA SER G 172 -18.82 27.92 15.36
C SER G 172 -19.13 28.40 13.95
N LYS G 173 -20.06 27.73 13.29
CA LYS G 173 -20.44 28.03 11.91
C LYS G 173 -21.88 28.51 11.92
N LEU G 174 -22.08 29.79 11.58
CA LEU G 174 -23.41 30.36 11.43
C LEU G 174 -23.73 30.42 9.94
N THR G 175 -24.84 29.80 9.55
CA THR G 175 -25.29 29.81 8.17
C THR G 175 -26.33 30.90 8.01
N VAL G 176 -26.08 31.80 7.06
CA VAL G 176 -27.00 32.89 6.77
C VAL G 176 -27.20 32.96 5.27
N ASP G 177 -28.32 33.54 4.86
CA ASP G 177 -28.53 33.80 3.45
C ASP G 177 -27.51 34.82 2.96
N LYS G 178 -26.92 34.54 1.79
CA LYS G 178 -25.91 35.42 1.24
C LYS G 178 -26.43 36.86 1.13
N SER G 179 -27.73 37.02 0.88
CA SER G 179 -28.29 38.36 0.71
C SER G 179 -28.03 39.24 1.92
N ARG G 180 -28.22 38.71 3.13
CA ARG G 180 -27.96 39.52 4.32
C ARG G 180 -26.48 39.88 4.46
N TRP G 181 -25.60 38.95 4.11
CA TRP G 181 -24.17 39.21 4.25
C TRP G 181 -23.72 40.29 3.27
N GLN G 182 -24.20 40.23 2.03
CA GLN G 182 -23.80 41.23 1.04
C GLN G 182 -24.41 42.60 1.34
N GLN G 183 -25.49 42.65 2.11
CA GLN G 183 -26.13 43.92 2.46
C GLN G 183 -25.44 44.65 3.59
N GLY G 184 -24.37 44.09 4.15
CA GLY G 184 -23.62 44.74 5.20
C GLY G 184 -24.15 44.53 6.60
N ASN G 185 -25.07 43.59 6.81
CA ASN G 185 -25.56 43.32 8.15
C ASN G 185 -24.44 42.84 9.05
N VAL G 186 -24.45 43.31 10.29
CA VAL G 186 -23.40 43.00 11.26
C VAL G 186 -23.85 41.82 12.11
N PHE G 187 -22.97 40.82 12.24
CA PHE G 187 -23.20 39.66 13.09
C PHE G 187 -22.15 39.64 14.19
N SER G 188 -22.50 39.02 15.32
CA SER G 188 -21.65 39.02 16.50
C SER G 188 -21.53 37.61 17.04
N CYS G 189 -20.30 37.18 17.27
CA CYS G 189 -20.03 35.93 17.96
C CYS G 189 -19.94 36.21 19.46
N SER G 190 -20.82 35.58 20.24
CA SER G 190 -20.84 35.74 21.68
C SER G 190 -20.24 34.51 22.33
N VAL G 191 -19.26 34.71 23.20
CA VAL G 191 -18.55 33.62 23.86
C VAL G 191 -18.65 33.83 25.36
N MET G 192 -18.95 32.76 26.09
CA MET G 192 -19.08 32.79 27.54
C MET G 192 -18.11 31.79 28.14
N HIS G 193 -17.22 32.26 29.02
CA HIS G 193 -16.18 31.42 29.58
C HIS G 193 -15.74 32.04 30.90
N GLU G 194 -15.36 31.18 31.85
CA GLU G 194 -15.04 31.65 33.19
C GLU G 194 -13.81 32.56 33.21
N ALA G 195 -12.87 32.33 32.29
CA ALA G 195 -11.64 33.11 32.25
C ALA G 195 -11.81 34.44 31.51
N LEU G 196 -13.03 34.76 31.11
CA LEU G 196 -13.34 36.05 30.51
C LEU G 196 -13.90 36.99 31.58
N HIS G 197 -13.59 38.28 31.43
CA HIS G 197 -14.19 39.27 32.32
C HIS G 197 -15.70 39.29 32.14
N ASN G 198 -16.42 39.29 33.26
CA ASN G 198 -17.88 39.18 33.27
C ASN G 198 -18.37 37.86 32.69
N HIS G 199 -17.47 36.91 32.43
CA HIS G 199 -17.80 35.60 31.88
C HIS G 199 -18.33 35.65 30.45
N TYR G 200 -18.16 36.75 29.74
CA TYR G 200 -18.60 36.77 28.35
C TYR G 200 -17.90 37.89 27.59
N THR G 201 -17.78 37.68 26.28
CA THR G 201 -17.24 38.68 25.36
C THR G 201 -17.94 38.52 24.02
N GLN G 202 -17.77 39.52 23.16
CA GLN G 202 -18.37 39.49 21.83
C GLN G 202 -17.41 40.06 20.81
N LYS G 203 -17.46 39.50 19.60
CA LYS G 203 -16.66 39.96 18.47
C LYS G 203 -17.57 40.15 17.27
N SER G 204 -17.38 41.26 16.57
CA SER G 204 -18.21 41.63 15.43
C SER G 204 -17.71 40.98 14.15
N LEU G 205 -18.59 40.94 13.15
CA LEU G 205 -18.29 40.36 11.85
C LEU G 205 -19.17 41.02 10.81
N SER G 206 -18.55 41.59 9.77
CA SER G 206 -19.28 42.31 8.74
C SER G 206 -18.52 42.20 7.43
N LEU G 207 -19.17 42.65 6.36
CA LEU G 207 -18.62 42.53 5.01
C LEU G 207 -17.43 43.46 4.77
N SER G 208 -17.72 44.72 4.47
CA SER G 208 -16.68 45.72 4.20
C SER G 208 -16.08 45.49 2.81
N LEU H 5 -30.65 40.76 29.47
CA LEU H 5 -29.65 40.39 30.47
C LEU H 5 -29.46 41.50 31.49
N ASN H 6 -29.44 41.12 32.76
CA ASN H 6 -29.13 42.06 33.84
C ASN H 6 -27.62 42.16 33.98
N LYS H 7 -27.04 43.14 33.29
CA LYS H 7 -25.58 43.24 33.24
C LYS H 7 -24.99 43.59 34.61
N GLU H 8 -25.62 44.52 35.34
CA GLU H 8 -25.07 44.91 36.63
C GLU H 8 -25.09 43.75 37.61
N GLN H 9 -26.16 42.95 37.60
CA GLN H 9 -26.21 41.76 38.44
C GLN H 9 -25.12 40.77 38.03
N GLN H 10 -24.98 40.52 36.73
CA GLN H 10 -23.96 39.60 36.25
C GLN H 10 -22.57 40.09 36.62
N ASN H 11 -22.33 41.39 36.50
CA ASN H 11 -21.00 41.93 36.82
C ASN H 11 -20.71 41.83 38.30
N ALA H 12 -21.69 42.17 39.15
CA ALA H 12 -21.51 42.02 40.59
C ALA H 12 -21.20 40.58 40.95
N PHE H 13 -21.89 39.63 40.30
CA PHE H 13 -21.61 38.22 40.52
C PHE H 13 -20.15 37.90 40.20
N TYR H 14 -19.66 38.38 39.04
CA TYR H 14 -18.29 38.09 38.65
C TYR H 14 -17.29 38.71 39.61
N GLU H 15 -17.48 39.99 39.94
CA GLU H 15 -16.53 40.67 40.82
C GLU H 15 -16.49 40.01 42.19
N ILE H 16 -17.66 39.74 42.77
CA ILE H 16 -17.71 39.06 44.06
C ILE H 16 -17.05 37.68 43.95
N LEU H 17 -17.26 37.00 42.82
CA LEU H 17 -16.71 35.67 42.64
C LEU H 17 -15.19 35.65 42.74
N HIS H 18 -14.52 36.78 42.49
CA HIS H 18 -13.07 36.84 42.42
C HIS H 18 -12.44 37.66 43.55
N LEU H 19 -13.23 38.14 44.50
CA LEU H 19 -12.64 38.88 45.61
C LEU H 19 -11.73 37.96 46.42
N PRO H 20 -10.42 38.25 46.50
CA PRO H 20 -9.48 37.24 47.01
C PRO H 20 -9.55 37.05 48.51
N ASN H 21 -9.94 38.06 49.28
CA ASN H 21 -9.83 38.01 50.73
C ASN H 21 -11.08 37.49 51.41
N LEU H 22 -12.16 37.24 50.67
CA LEU H 22 -13.35 36.65 51.25
C LEU H 22 -13.18 35.15 51.41
N ASN H 23 -13.74 34.61 52.48
CA ASN H 23 -13.82 33.16 52.63
C ASN H 23 -15.01 32.63 51.84
N GLU H 24 -15.01 31.32 51.61
CA GLU H 24 -16.10 30.72 50.84
C GLU H 24 -17.44 30.89 51.51
N GLU H 25 -17.46 31.16 52.82
CA GLU H 25 -18.72 31.37 53.53
C GLU H 25 -19.33 32.71 53.16
N GLN H 26 -18.51 33.76 53.16
CA GLN H 26 -18.99 35.10 52.82
C GLN H 26 -19.34 35.20 51.34
N ARG H 27 -18.48 34.66 50.48
CA ARG H 27 -18.72 34.70 49.04
C ARG H 27 -20.09 34.13 48.70
N LYS H 28 -20.42 32.97 49.27
CA LYS H 28 -21.71 32.35 48.99
C LYS H 28 -22.87 33.24 49.42
N ALA H 29 -22.74 33.89 50.57
CA ALA H 29 -23.84 34.72 51.07
C ALA H 29 -24.08 35.92 50.17
N PHE H 30 -23.00 36.57 49.70
CA PHE H 30 -23.16 37.70 48.80
C PHE H 30 -23.76 37.27 47.47
N ILE H 31 -23.21 36.22 46.86
CA ILE H 31 -23.74 35.74 45.59
C ILE H 31 -25.20 35.32 45.74
N GLN H 32 -25.51 34.58 46.80
CA GLN H 32 -26.88 34.16 47.02
C GLN H 32 -27.79 35.35 47.26
N SER H 33 -27.29 36.39 47.93
CA SER H 33 -28.07 37.60 48.16
C SER H 33 -28.43 38.32 46.87
N LEU H 34 -27.82 37.96 45.74
CA LEU H 34 -28.14 38.55 44.46
C LEU H 34 -29.40 37.96 43.84
N ILE H 35 -29.90 36.84 44.35
CA ILE H 35 -30.98 36.11 43.69
C ILE H 35 -32.02 35.58 44.68
N ASP H 36 -31.87 35.90 45.96
CA ASP H 36 -32.78 35.38 46.98
C ASP H 36 -33.36 36.48 47.85
N GLY H 37 -33.44 37.70 47.33
CA GLY H 37 -34.06 38.82 48.02
C GLY H 37 -33.13 39.64 48.89
N GLY H 38 -32.10 39.04 49.48
CA GLY H 38 -31.23 39.78 50.36
C GLY H 38 -30.74 41.07 49.76
N GLY H 39 -30.35 41.05 48.48
CA GLY H 39 -29.94 42.26 47.80
C GLY H 39 -31.08 43.10 47.28
N ASP H 40 -32.26 42.50 47.11
CA ASP H 40 -33.44 43.20 46.60
C ASP H 40 -34.09 43.95 47.77
N THR H 41 -33.55 45.13 48.08
CA THR H 41 -33.97 45.83 49.29
C THR H 41 -35.42 46.29 49.19
N ASN H 42 -35.89 46.64 47.98
CA ASN H 42 -37.28 46.98 47.78
C ASN H 42 -38.03 45.73 47.32
N GLY H 43 -39.28 45.61 47.75
CA GLY H 43 -40.11 44.48 47.40
C GLY H 43 -40.66 44.44 45.99
N ASN H 44 -39.90 44.92 45.00
CA ASN H 44 -40.36 44.89 43.62
C ASN H 44 -39.98 43.61 42.89
N GLY H 45 -39.27 42.68 43.54
CA GLY H 45 -38.99 41.40 42.95
C GLY H 45 -37.82 41.36 42.00
N TYR H 46 -37.21 42.50 41.67
CA TYR H 46 -36.12 42.57 40.71
C TYR H 46 -34.96 43.35 41.29
N LEU H 47 -33.75 42.84 41.05
CA LEU H 47 -32.53 43.49 41.56
C LEU H 47 -32.10 44.57 40.58
N ASP H 48 -32.43 45.81 40.90
CA ASP H 48 -32.09 46.92 40.03
C ASP H 48 -30.58 47.20 40.10
N ALA H 49 -30.10 47.97 39.12
CA ALA H 49 -28.68 48.31 39.09
C ALA H 49 -28.25 48.99 40.38
N GLU H 50 -29.08 49.88 40.91
CA GLU H 50 -28.76 50.55 42.17
C GLU H 50 -28.51 49.54 43.30
N GLU H 51 -29.38 48.55 43.41
CA GLU H 51 -29.27 47.57 44.49
C GLU H 51 -28.07 46.65 44.30
N SER H 52 -27.77 46.31 43.06
CA SER H 52 -26.60 45.47 42.77
C SER H 52 -25.30 46.14 43.21
N ALA H 53 -25.14 47.43 42.87
CA ALA H 53 -23.89 48.12 43.15
C ALA H 53 -23.58 48.18 44.64
N ASN H 54 -24.60 48.41 45.48
CA ASN H 54 -24.34 48.54 46.92
C ASN H 54 -24.03 47.19 47.55
N LEU H 55 -24.72 46.12 47.14
CA LEU H 55 -24.35 44.79 47.64
C LEU H 55 -22.93 44.46 47.21
N LEU H 56 -22.56 44.85 45.99
CA LEU H 56 -21.17 44.71 45.56
C LEU H 56 -20.25 45.56 46.42
N ALA H 57 -20.66 46.81 46.68
CA ALA H 57 -19.84 47.69 47.52
C ALA H 57 -19.65 47.11 48.91
N GLU H 58 -20.67 46.46 49.46
CA GLU H 58 -20.52 45.82 50.77
C GLU H 58 -19.54 44.67 50.70
N ALA H 59 -19.58 43.90 49.61
CA ALA H 59 -18.61 42.82 49.44
C ALA H 59 -17.20 43.40 49.25
N LYS H 60 -17.08 44.48 48.48
CA LYS H 60 -15.78 45.14 48.34
C LYS H 60 -15.29 45.66 49.68
N LYS H 61 -16.20 46.19 50.51
CA LYS H 61 -15.81 46.72 51.81
C LYS H 61 -15.32 45.62 52.73
N LEU H 62 -16.05 44.51 52.79
CA LEU H 62 -15.62 43.39 53.63
C LEU H 62 -14.32 42.79 53.11
N ASN H 63 -14.16 42.74 51.78
CA ASN H 63 -12.92 42.22 51.21
C ASN H 63 -11.74 43.12 51.54
N ASP H 64 -11.93 44.44 51.47
CA ASP H 64 -10.84 45.36 51.78
C ASP H 64 -10.49 45.33 53.25
N ALA H 65 -11.50 45.19 54.12
CA ALA H 65 -11.24 45.11 55.55
C ALA H 65 -10.49 43.84 55.92
N ARG H 66 -10.49 42.84 55.05
CA ARG H 66 -9.79 41.58 55.29
C ARG H 66 -8.46 41.51 54.57
N ALA H 67 -8.13 42.52 53.76
CA ALA H 67 -6.86 42.50 53.03
C ALA H 67 -5.70 42.56 54.03
N PRO H 68 -4.64 41.76 53.83
CA PRO H 68 -3.49 41.84 54.74
C PRO H 68 -2.74 43.17 54.63
#